data_4GX7
#
_entry.id   4GX7
#
_cell.length_a   99.770
_cell.length_b   99.770
_cell.length_c   172.366
_cell.angle_alpha   90.000
_cell.angle_beta   90.000
_cell.angle_gamma   120.000
#
_symmetry.space_group_name_H-M   'P 31 2 1'
#
loop_
_entity.id
_entity.type
_entity.pdbx_description
1 polymer 'Cytolysin and hemolysin HlyA Pore-forming toxin'
2 non-polymer 'methyl alpha-D-mannopyranoside'
#
_entity_poly.entity_id   1
_entity_poly.type   'polypeptide(L)'
_entity_poly.pdbx_seq_one_letter_code
;MGSSHHHHHHSSGLVPRGSHMSSPILGYTQGKMNQQRVGQDNRLYVRAGAAIDALGSASDLLVGGNGGSLSSVDLSGVKS
ITATSGDFQYGGQQLVALTFTYQDGRQQTVGSKAYVTNAHEDRFDLPDAAKITQLKIWADDWLVKGVQFDLN
;
_entity_poly.pdbx_strand_id   A,B,C,D,E,F
#
# COMPACT_ATOMS: atom_id res chain seq x y z
N MET A 21 -27.35 12.28 24.88
CA MET A 21 -28.61 11.56 24.70
C MET A 21 -28.40 10.29 23.87
N SER A 22 -28.41 9.14 24.52
CA SER A 22 -28.22 7.86 23.84
C SER A 22 -29.31 6.84 24.16
N SER A 23 -29.48 5.90 23.25
CA SER A 23 -30.43 4.81 23.41
C SER A 23 -29.81 3.76 24.32
N PRO A 24 -30.60 2.77 24.77
CA PRO A 24 -29.88 1.65 25.38
C PRO A 24 -29.21 0.87 24.27
N ILE A 25 -28.30 -0.03 24.63
CA ILE A 25 -27.67 -0.86 23.63
C ILE A 25 -28.63 -1.99 23.27
N LEU A 26 -29.11 -1.97 22.03
CA LEU A 26 -30.07 -2.97 21.56
C LEU A 26 -29.31 -4.18 21.05
N GLY A 27 -29.45 -5.29 21.77
CA GLY A 27 -28.73 -6.50 21.44
C GLY A 27 -27.61 -6.75 22.41
N TYR A 28 -26.48 -7.22 21.91
CA TYR A 28 -25.37 -7.58 22.76
C TYR A 28 -24.14 -6.73 22.48
N THR A 29 -23.35 -6.48 23.51
CA THR A 29 -22.11 -5.73 23.37
C THR A 29 -20.97 -6.72 23.24
N GLN A 30 -21.05 -7.58 22.22
CA GLN A 30 -19.97 -8.52 21.93
C GLN A 30 -19.27 -8.04 20.67
N GLY A 31 -18.07 -8.57 20.42
CA GLY A 31 -17.29 -8.17 19.26
C GLY A 31 -16.72 -6.76 19.40
N LYS A 32 -16.11 -6.26 18.33
CA LYS A 32 -15.53 -4.93 18.35
C LYS A 32 -16.58 -3.86 18.02
N MET A 33 -16.46 -2.69 18.62
CA MET A 33 -17.40 -1.59 18.37
C MET A 33 -16.84 -0.60 17.37
N ASN A 34 -17.62 -0.29 16.35
CA ASN A 34 -17.31 0.79 15.43
C ASN A 34 -18.37 1.88 15.57
N GLN A 35 -17.98 3.13 15.40
CA GLN A 35 -18.92 4.24 15.58
C GLN A 35 -18.99 5.09 14.32
N GLN A 36 -20.20 5.37 13.87
CA GLN A 36 -20.36 6.12 12.63
C GLN A 36 -21.36 7.25 12.74
N ARG A 37 -20.97 8.39 12.20
CA ARG A 37 -21.82 9.55 12.07
C ARG A 37 -22.84 9.27 10.97
N VAL A 38 -24.08 9.67 11.20
CA VAL A 38 -25.15 9.41 10.26
C VAL A 38 -24.96 10.33 9.04
N GLY A 39 -25.12 9.77 7.84
CA GLY A 39 -24.89 10.53 6.62
C GLY A 39 -25.88 11.66 6.36
N GLN A 40 -25.61 12.45 5.32
CA GLN A 40 -26.47 13.58 4.99
C GLN A 40 -27.84 13.12 4.48
N ASP A 41 -27.89 11.92 3.93
CA ASP A 41 -29.16 11.39 3.40
C ASP A 41 -30.03 10.79 4.50
N ASN A 42 -29.46 10.66 5.70
CA ASN A 42 -30.18 10.15 6.87
C ASN A 42 -30.74 8.75 6.70
N ARG A 43 -29.99 7.89 6.01
CA ARG A 43 -30.40 6.51 5.83
C ARG A 43 -29.44 5.56 6.56
N LEU A 44 -29.99 4.46 7.08
CA LEU A 44 -29.19 3.41 7.68
C LEU A 44 -29.06 2.28 6.67
N TYR A 45 -27.82 1.96 6.29
CA TYR A 45 -27.56 0.94 5.29
C TYR A 45 -27.26 -0.42 5.92
N VAL A 46 -27.83 -1.46 5.35
CA VAL A 46 -27.82 -2.80 5.96
C VAL A 46 -27.49 -3.91 4.96
N ARG A 47 -26.75 -4.92 5.41
CA ARG A 47 -26.80 -6.21 4.74
C ARG A 47 -27.39 -7.22 5.73
N ALA A 48 -28.47 -7.88 5.31
CA ALA A 48 -29.23 -8.75 6.20
C ALA A 48 -29.93 -9.89 5.45
N GLY A 49 -30.27 -10.92 6.20
CA GLY A 49 -30.98 -12.08 5.68
C GLY A 49 -31.73 -12.74 6.81
N ALA A 50 -31.19 -13.83 7.35
CA ALA A 50 -31.79 -14.47 8.50
C ALA A 50 -31.47 -13.67 9.77
N ALA A 51 -30.44 -12.83 9.69
CA ALA A 51 -30.09 -11.93 10.78
C ALA A 51 -29.46 -10.68 10.18
N ILE A 52 -28.87 -9.84 11.01
CA ILE A 52 -28.23 -8.64 10.51
C ILE A 52 -26.72 -8.86 10.33
N ASP A 53 -26.28 -8.96 9.08
CA ASP A 53 -24.88 -9.24 8.79
C ASP A 53 -24.02 -7.99 9.00
N ALA A 54 -24.51 -6.83 8.55
CA ALA A 54 -23.75 -5.60 8.66
C ALA A 54 -24.62 -4.34 8.71
N LEU A 55 -24.11 -3.28 9.33
CA LEU A 55 -24.74 -1.97 9.37
C LEU A 55 -23.73 -0.88 9.07
N GLY A 56 -24.20 0.28 8.63
CA GLY A 56 -23.32 1.37 8.30
C GLY A 56 -24.05 2.64 7.91
N SER A 57 -23.32 3.75 7.83
CA SER A 57 -23.89 5.04 7.46
C SER A 57 -23.95 5.16 5.95
N ALA A 58 -23.29 4.22 5.28
CA ALA A 58 -23.24 4.20 3.82
C ALA A 58 -23.06 2.76 3.35
N SER A 59 -23.33 2.50 2.07
CA SER A 59 -23.25 1.13 1.57
C SER A 59 -21.81 0.61 1.55
N ASP A 60 -20.85 1.51 1.39
CA ASP A 60 -19.44 1.14 1.45
C ASP A 60 -18.90 1.07 2.88
N LEU A 61 -19.65 1.61 3.84
CA LEU A 61 -19.15 1.66 5.23
C LEU A 61 -19.89 0.69 6.16
N LEU A 62 -20.20 -0.51 5.66
CA LEU A 62 -20.85 -1.53 6.49
C LEU A 62 -19.85 -2.20 7.44
N VAL A 63 -20.23 -2.35 8.69
CA VAL A 63 -19.40 -3.04 9.69
C VAL A 63 -20.09 -4.33 10.12
N GLY A 64 -19.36 -5.44 10.03
CA GLY A 64 -19.91 -6.75 10.31
C GLY A 64 -19.41 -7.79 9.32
N GLY A 65 -20.23 -8.81 9.07
CA GLY A 65 -19.82 -9.92 8.22
C GLY A 65 -20.07 -9.63 6.75
N ASN A 66 -19.87 -10.64 5.91
CA ASN A 66 -19.91 -10.45 4.46
C ASN A 66 -21.16 -11.05 3.82
N GLY A 67 -22.11 -11.43 4.67
CA GLY A 67 -23.37 -12.01 4.22
C GLY A 67 -24.53 -11.07 3.98
N GLY A 68 -25.69 -11.66 3.73
CA GLY A 68 -26.94 -10.95 3.54
C GLY A 68 -27.12 -10.14 2.27
N SER A 69 -28.25 -9.44 2.20
CA SER A 69 -28.60 -8.63 1.04
C SER A 69 -28.63 -7.17 1.45
N LEU A 70 -28.31 -6.28 0.51
CA LEU A 70 -28.23 -4.85 0.80
C LEU A 70 -29.59 -4.15 0.77
N SER A 71 -29.82 -3.30 1.77
CA SER A 71 -31.07 -2.55 1.86
C SER A 71 -30.81 -1.30 2.69
N SER A 72 -31.75 -0.36 2.65
CA SER A 72 -31.59 0.91 3.34
C SER A 72 -32.81 1.21 4.18
N VAL A 73 -32.63 2.09 5.17
CA VAL A 73 -33.73 2.48 6.04
C VAL A 73 -33.70 3.98 6.25
N ASP A 74 -34.82 4.65 5.96
CA ASP A 74 -34.91 6.08 6.22
C ASP A 74 -35.01 6.32 7.72
N LEU A 75 -34.13 7.15 8.25
CA LEU A 75 -34.10 7.42 9.69
C LEU A 75 -34.99 8.61 10.04
N SER A 76 -35.57 9.24 9.01
CA SER A 76 -36.45 10.37 9.26
C SER A 76 -37.83 9.89 9.67
N GLY A 77 -38.37 10.51 10.72
CA GLY A 77 -39.69 10.16 11.19
C GLY A 77 -39.73 9.00 12.17
N VAL A 78 -38.57 8.52 12.59
CA VAL A 78 -38.52 7.37 13.50
C VAL A 78 -39.02 7.75 14.90
N LYS A 79 -40.05 7.04 15.36
CA LYS A 79 -40.57 7.24 16.71
C LYS A 79 -39.97 6.24 17.69
N SER A 80 -39.83 5.00 17.23
CA SER A 80 -39.27 3.94 18.08
C SER A 80 -38.52 2.89 17.26
N ILE A 81 -37.48 2.30 17.88
CA ILE A 81 -36.72 1.22 17.27
C ILE A 81 -36.82 0.00 18.18
N THR A 82 -37.16 -1.15 17.58
CA THR A 82 -37.40 -2.37 18.34
C THR A 82 -36.45 -3.48 17.91
N ALA A 83 -35.69 -4.01 18.86
CA ALA A 83 -34.71 -5.05 18.54
C ALA A 83 -35.29 -6.41 18.85
N THR A 84 -35.04 -7.36 17.97
CA THR A 84 -35.47 -8.73 18.17
C THR A 84 -34.24 -9.60 18.23
N SER A 85 -34.08 -10.27 19.38
CA SER A 85 -32.96 -11.19 19.61
C SER A 85 -33.46 -12.56 20.07
N GLY A 86 -32.54 -13.49 20.31
CA GLY A 86 -32.92 -14.81 20.76
C GLY A 86 -32.01 -15.91 20.24
N ASP A 87 -32.48 -17.15 20.31
CA ASP A 87 -31.66 -18.27 19.88
C ASP A 87 -31.73 -18.37 18.37
N PHE A 88 -30.62 -18.07 17.71
CA PHE A 88 -30.55 -18.08 16.25
C PHE A 88 -30.60 -19.50 15.70
N GLN A 89 -31.36 -19.68 14.64
CA GLN A 89 -31.52 -20.98 13.99
C GLN A 89 -30.16 -21.52 13.53
N TYR A 90 -29.24 -20.63 13.21
CA TYR A 90 -27.94 -21.04 12.70
C TYR A 90 -26.85 -20.89 13.74
N GLY A 91 -27.25 -20.84 15.01
CA GLY A 91 -26.32 -20.92 16.11
C GLY A 91 -26.13 -19.67 16.94
N GLY A 92 -26.18 -19.83 18.26
CA GLY A 92 -25.86 -18.75 19.17
C GLY A 92 -27.02 -17.83 19.46
N GLN A 93 -26.85 -16.95 20.45
CA GLN A 93 -27.81 -15.89 20.69
C GLN A 93 -27.41 -14.66 19.89
N GLN A 94 -28.31 -14.21 19.03
CA GLN A 94 -28.01 -13.13 18.11
C GLN A 94 -29.06 -12.05 18.10
N LEU A 95 -28.65 -10.88 17.66
CA LEU A 95 -29.57 -9.83 17.24
C LEU A 95 -29.98 -10.22 15.84
N VAL A 96 -31.25 -10.54 15.66
CA VAL A 96 -31.72 -11.05 14.37
C VAL A 96 -32.51 -9.99 13.60
N ALA A 97 -33.04 -9.01 14.31
CA ALA A 97 -33.89 -8.00 13.69
C ALA A 97 -33.94 -6.65 14.41
N LEU A 98 -34.06 -5.59 13.62
CA LEU A 98 -34.33 -4.26 14.12
C LEU A 98 -35.55 -3.78 13.35
N THR A 99 -36.59 -3.40 14.09
CA THR A 99 -37.83 -2.91 13.47
C THR A 99 -38.02 -1.43 13.75
N PHE A 100 -38.14 -0.65 12.67
CA PHE A 100 -38.30 0.79 12.78
C PHE A 100 -39.75 1.19 12.59
N THR A 101 -40.35 1.84 13.59
CA THR A 101 -41.71 2.32 13.45
C THR A 101 -41.69 3.85 13.35
N TYR A 102 -42.41 4.37 12.36
CA TYR A 102 -42.41 5.81 12.10
C TYR A 102 -43.62 6.52 12.66
N GLN A 103 -43.54 7.85 12.73
CA GLN A 103 -44.63 8.68 13.27
C GLN A 103 -45.93 8.48 12.48
N ASP A 104 -45.81 8.07 11.22
CA ASP A 104 -46.98 7.84 10.38
C ASP A 104 -47.54 6.43 10.51
N GLY A 105 -46.99 5.65 11.45
CA GLY A 105 -47.50 4.33 11.75
C GLY A 105 -46.88 3.22 10.91
N ARG A 106 -46.09 3.61 9.91
CA ARG A 106 -45.39 2.66 9.06
C ARG A 106 -44.32 1.88 9.83
N GLN A 107 -44.06 0.65 9.41
CA GLN A 107 -43.03 -0.18 10.03
C GLN A 107 -42.12 -0.85 9.01
N GLN A 108 -40.82 -0.61 9.15
CA GLN A 108 -39.82 -1.31 8.36
C GLN A 108 -38.87 -2.11 9.23
N THR A 109 -38.61 -3.34 8.80
CA THR A 109 -37.75 -4.23 9.56
C THR A 109 -36.57 -4.69 8.70
N VAL A 110 -35.39 -4.69 9.31
CA VAL A 110 -34.20 -5.25 8.67
C VAL A 110 -33.77 -6.45 9.50
N GLY A 111 -33.28 -7.48 8.83
CA GLY A 111 -32.97 -8.71 9.52
C GLY A 111 -34.24 -9.53 9.38
N SER A 112 -34.46 -10.47 10.30
CA SER A 112 -35.64 -11.33 10.24
C SER A 112 -36.05 -11.82 11.62
N LYS A 113 -37.34 -12.15 11.77
CA LYS A 113 -37.86 -12.73 13.00
C LYS A 113 -38.23 -14.17 12.72
N ALA A 114 -37.94 -14.63 11.52
CA ALA A 114 -38.37 -15.94 11.07
C ALA A 114 -37.39 -17.06 11.40
N TYR A 115 -36.19 -16.69 11.84
CA TYR A 115 -35.15 -17.68 12.11
C TYR A 115 -34.65 -17.59 13.54
N VAL A 116 -35.57 -17.36 14.46
CA VAL A 116 -35.21 -17.23 15.87
C VAL A 116 -36.23 -17.98 16.74
N THR A 117 -35.74 -18.56 17.84
CA THR A 117 -36.62 -19.22 18.81
C THR A 117 -36.32 -18.65 20.18
N ASN A 118 -37.26 -18.81 21.10
CA ASN A 118 -37.15 -18.24 22.44
C ASN A 118 -36.75 -16.77 22.36
N ALA A 119 -37.48 -16.01 21.55
CA ALA A 119 -37.05 -14.64 21.23
C ALA A 119 -37.64 -13.63 22.21
N HIS A 120 -36.86 -12.59 22.52
CA HIS A 120 -37.35 -11.46 23.31
C HIS A 120 -37.16 -10.15 22.55
N GLU A 121 -38.00 -9.16 22.82
CA GLU A 121 -37.92 -7.89 22.13
C GLU A 121 -37.60 -6.70 23.02
N ASP A 122 -36.52 -6.00 22.68
CA ASP A 122 -36.13 -4.79 23.40
C ASP A 122 -36.57 -3.61 22.55
N ARG A 123 -37.48 -2.82 23.10
CA ARG A 123 -38.03 -1.67 22.38
C ARG A 123 -37.47 -0.36 22.90
N PHE A 124 -37.02 0.49 21.99
CA PHE A 124 -36.56 1.82 22.37
C PHE A 124 -37.42 2.89 21.74
N ASP A 125 -38.16 3.62 22.58
CA ASP A 125 -39.00 4.70 22.10
C ASP A 125 -38.22 6.01 22.17
N LEU A 126 -38.11 6.70 21.05
CA LEU A 126 -37.37 7.95 20.98
C LEU A 126 -38.15 9.08 21.63
N PRO A 127 -37.43 9.95 22.35
CA PRO A 127 -38.02 11.18 22.91
C PRO A 127 -38.45 12.15 21.81
N ASP A 128 -39.38 13.04 22.14
CA ASP A 128 -39.82 14.08 21.21
C ASP A 128 -38.63 14.97 20.86
N ALA A 129 -38.54 15.36 19.59
CA ALA A 129 -37.42 16.16 19.09
C ALA A 129 -36.08 15.49 19.31
N ALA A 130 -35.96 14.26 18.84
CA ALA A 130 -34.71 13.55 18.90
C ALA A 130 -34.39 13.07 17.50
N LYS A 131 -33.20 13.41 17.03
CA LYS A 131 -32.75 13.01 15.70
C LYS A 131 -31.57 12.06 15.88
N ILE A 132 -31.57 10.95 15.14
CA ILE A 132 -30.42 10.05 15.21
C ILE A 132 -29.22 10.66 14.50
N THR A 133 -28.13 10.84 15.25
CA THR A 133 -26.94 11.49 14.73
C THR A 133 -25.71 10.58 14.70
N GLN A 134 -25.68 9.57 15.55
CA GLN A 134 -24.52 8.69 15.60
C GLN A 134 -24.94 7.23 15.71
N LEU A 135 -24.13 6.35 15.12
CA LEU A 135 -24.38 4.93 15.19
C LEU A 135 -23.22 4.27 15.92
N LYS A 136 -23.53 3.41 16.89
CA LYS A 136 -22.50 2.56 17.48
C LYS A 136 -22.85 1.12 17.16
N ILE A 137 -21.95 0.42 16.47
CA ILE A 137 -22.23 -0.94 16.04
C ILE A 137 -21.26 -1.96 16.62
N TRP A 138 -21.82 -2.93 17.34
CA TRP A 138 -21.03 -4.04 17.88
C TRP A 138 -21.23 -5.26 16.98
N ALA A 139 -20.14 -5.76 16.41
CA ALA A 139 -20.20 -6.91 15.52
C ALA A 139 -18.95 -7.76 15.62
N ASP A 140 -19.04 -8.98 15.09
CA ASP A 140 -17.86 -9.78 14.84
C ASP A 140 -17.65 -9.94 13.34
N ASP A 141 -17.02 -11.04 12.95
CA ASP A 141 -16.71 -11.32 11.56
C ASP A 141 -17.89 -11.95 10.82
N TRP A 142 -18.97 -12.20 11.54
CA TRP A 142 -20.15 -12.88 11.00
C TRP A 142 -21.36 -11.95 10.92
N LEU A 143 -21.79 -11.48 12.08
CA LEU A 143 -23.06 -10.79 12.22
C LEU A 143 -22.96 -9.60 13.16
N VAL A 144 -23.95 -8.72 13.11
CA VAL A 144 -24.00 -7.61 14.07
C VAL A 144 -24.55 -8.14 15.38
N LYS A 145 -23.90 -7.78 16.49
CA LYS A 145 -24.29 -8.25 17.81
C LYS A 145 -25.16 -7.25 18.54
N GLY A 146 -24.88 -5.97 18.35
CA GLY A 146 -25.63 -4.93 19.03
C GLY A 146 -25.46 -3.57 18.35
N VAL A 147 -26.35 -2.66 18.69
CA VAL A 147 -26.32 -1.32 18.12
C VAL A 147 -26.82 -0.32 19.15
N GLN A 148 -26.23 0.87 19.15
CA GLN A 148 -26.66 1.96 20.01
C GLN A 148 -26.80 3.20 19.15
N PHE A 149 -27.86 3.97 19.37
CA PHE A 149 -28.10 5.17 18.57
C PHE A 149 -27.98 6.44 19.40
N ASP A 150 -27.06 7.34 19.03
CA ASP A 150 -26.92 8.61 19.73
C ASP A 150 -27.74 9.69 19.06
N LEU A 151 -28.25 10.61 19.87
CA LEU A 151 -29.22 11.60 19.40
C LEU A 151 -28.66 13.03 19.46
N ASN A 152 -29.17 13.90 18.59
CA ASN A 152 -28.71 15.29 18.37
C ASN A 152 -27.35 15.73 18.94
N MET B 21 -21.45 25.53 4.14
CA MET B 21 -20.21 25.50 3.38
C MET B 21 -19.02 25.07 4.24
N SER B 22 -19.30 24.46 5.38
CA SER B 22 -18.24 23.92 6.22
C SER B 22 -18.54 22.46 6.48
N SER B 23 -17.50 21.65 6.57
CA SER B 23 -17.68 20.24 6.83
C SER B 23 -17.90 20.05 8.32
N PRO B 24 -18.31 18.85 8.74
CA PRO B 24 -18.21 18.60 10.17
C PRO B 24 -16.75 18.40 10.51
N ILE B 25 -16.40 18.43 11.78
CA ILE B 25 -15.01 18.17 12.16
C ILE B 25 -14.74 16.68 12.16
N LEU B 26 -13.87 16.25 11.25
CA LEU B 26 -13.52 14.85 11.12
C LEU B 26 -12.36 14.52 12.06
N GLY B 27 -12.65 13.76 13.11
CA GLY B 27 -11.66 13.43 14.11
C GLY B 27 -11.91 14.17 15.42
N TYR B 28 -10.83 14.61 16.06
CA TYR B 28 -10.94 15.30 17.34
C TYR B 28 -10.42 16.73 17.31
N THR B 29 -11.01 17.59 18.15
CA THR B 29 -10.55 18.96 18.29
C THR B 29 -9.61 19.10 19.48
N GLN B 30 -8.52 18.35 19.48
CA GLN B 30 -7.52 18.49 20.53
C GLN B 30 -6.31 19.20 19.95
N GLY B 31 -5.43 19.71 20.81
CA GLY B 31 -4.27 20.43 20.32
C GLY B 31 -4.64 21.79 19.75
N LYS B 32 -3.66 22.46 19.14
CA LYS B 32 -3.89 23.77 18.56
C LYS B 32 -4.46 23.68 17.16
N MET B 33 -5.32 24.64 16.81
CA MET B 33 -5.92 24.67 15.48
C MET B 33 -5.13 25.62 14.59
N ASN B 34 -4.78 25.14 13.41
CA ASN B 34 -4.15 25.96 12.40
C ASN B 34 -5.13 26.11 11.26
N GLN B 35 -5.16 27.29 10.65
CA GLN B 35 -6.11 27.55 9.57
C GLN B 35 -5.36 27.98 8.33
N GLN B 36 -5.64 27.32 7.21
CA GLN B 36 -4.90 27.57 5.98
C GLN B 36 -5.81 27.69 4.76
N ARG B 37 -5.57 28.70 3.94
CA ARG B 37 -6.28 28.84 2.69
C ARG B 37 -5.67 27.80 1.76
N VAL B 38 -6.51 27.15 0.96
CA VAL B 38 -6.03 26.10 0.07
C VAL B 38 -5.22 26.73 -1.06
N GLY B 39 -4.06 26.15 -1.37
CA GLY B 39 -3.12 26.73 -2.31
C GLY B 39 -3.60 26.90 -3.74
N GLN B 40 -2.75 27.50 -4.57
CA GLN B 40 -3.09 27.74 -5.96
C GLN B 40 -3.18 26.43 -6.74
N ASP B 41 -2.46 25.42 -6.27
CA ASP B 41 -2.44 24.10 -6.90
C ASP B 41 -3.57 23.16 -6.48
N ASN B 42 -4.34 23.59 -5.48
CA ASN B 42 -5.51 22.83 -5.01
C ASN B 42 -5.17 21.44 -4.48
N ARG B 43 -4.03 21.34 -3.81
CA ARG B 43 -3.55 20.06 -3.28
C ARG B 43 -3.51 20.00 -1.75
N LEU B 44 -3.80 18.83 -1.21
CA LEU B 44 -3.67 18.58 0.23
C LEU B 44 -2.39 17.79 0.48
N TYR B 45 -1.52 18.33 1.31
CA TYR B 45 -0.25 17.67 1.61
C TYR B 45 -0.35 16.83 2.88
N VAL B 46 0.18 15.62 2.81
CA VAL B 46 -0.05 14.65 3.86
C VAL B 46 1.26 14.01 4.31
N ARG B 47 1.38 13.83 5.62
CA ARG B 47 2.35 12.91 6.17
C ARG B 47 1.57 11.83 6.91
N ALA B 48 1.77 10.58 6.51
CA ALA B 48 0.97 9.50 7.08
C ALA B 48 1.75 8.20 7.14
N GLY B 49 1.28 7.30 8.00
CA GLY B 49 1.82 5.96 8.13
C GLY B 49 0.75 5.07 8.75
N ALA B 50 0.93 4.76 10.03
CA ALA B 50 -0.10 4.01 10.77
C ALA B 50 -1.23 4.95 11.16
N ALA B 51 -0.96 6.24 11.10
CA ALA B 51 -1.96 7.28 11.33
C ALA B 51 -1.56 8.48 10.51
N ILE B 52 -2.21 9.62 10.74
CA ILE B 52 -1.87 10.83 10.00
C ILE B 52 -0.95 11.77 10.79
N ASP B 53 0.30 11.85 10.38
CA ASP B 53 1.30 12.66 11.09
C ASP B 53 1.10 14.14 10.84
N ALA B 54 0.81 14.52 9.59
CA ALA B 54 0.69 15.93 9.26
C ALA B 54 -0.22 16.22 8.06
N LEU B 55 -0.83 17.39 8.08
CA LEU B 55 -1.63 17.88 6.96
C LEU B 55 -1.24 19.34 6.74
N GLY B 56 -1.45 19.83 5.52
CA GLY B 56 -1.12 21.21 5.20
C GLY B 56 -1.50 21.60 3.78
N SER B 57 -1.53 22.90 3.51
CA SER B 57 -1.92 23.41 2.19
C SER B 57 -0.71 23.40 1.28
N ALA B 58 0.46 23.21 1.88
CA ALA B 58 1.71 23.16 1.13
C ALA B 58 2.72 22.33 1.91
N SER B 59 3.79 21.91 1.24
CA SER B 59 4.81 21.12 1.90
C SER B 59 5.54 21.99 2.93
N ASP B 60 5.50 23.30 2.71
CA ASP B 60 6.07 24.28 3.63
C ASP B 60 5.18 24.49 4.86
N LEU B 61 3.88 24.19 4.72
CA LEU B 61 2.91 24.49 5.77
C LEU B 61 2.32 23.25 6.42
N LEU B 62 3.14 22.24 6.69
CA LEU B 62 2.64 21.03 7.33
C LEU B 62 2.37 21.30 8.79
N VAL B 63 1.23 20.80 9.27
CA VAL B 63 0.90 20.91 10.68
C VAL B 63 0.92 19.52 11.27
N GLY B 64 1.79 19.28 12.25
CA GLY B 64 1.89 17.95 12.82
C GLY B 64 3.32 17.45 12.99
N GLY B 65 3.49 16.13 12.93
CA GLY B 65 4.79 15.53 13.12
C GLY B 65 5.59 15.30 11.84
N ASN B 66 6.74 14.66 12.00
CA ASN B 66 7.67 14.43 10.90
C ASN B 66 7.78 12.94 10.60
N GLY B 67 6.87 12.14 11.15
CA GLY B 67 6.90 10.70 10.91
C GLY B 67 6.15 10.34 9.65
N GLY B 68 6.07 9.04 9.35
CA GLY B 68 5.35 8.62 8.16
C GLY B 68 6.05 9.06 6.89
N SER B 69 5.36 8.94 5.77
CA SER B 69 5.91 9.35 4.48
C SER B 69 5.12 10.50 3.86
N LEU B 70 5.81 11.34 3.08
CA LEU B 70 5.20 12.53 2.47
C LEU B 70 4.44 12.19 1.19
N SER B 71 3.28 12.79 1.02
CA SER B 71 2.45 12.58 -0.16
C SER B 71 1.48 13.75 -0.33
N SER B 72 0.83 13.82 -1.49
CA SER B 72 -0.14 14.89 -1.77
C SER B 72 -1.44 14.30 -2.32
N VAL B 73 -2.53 15.06 -2.19
CA VAL B 73 -3.84 14.63 -2.67
C VAL B 73 -4.54 15.78 -3.38
N ASP B 74 -4.99 15.53 -4.60
CA ASP B 74 -5.75 16.52 -5.36
C ASP B 74 -7.14 16.72 -4.75
N LEU B 75 -7.45 17.98 -4.46
CA LEU B 75 -8.71 18.34 -3.83
C LEU B 75 -9.78 18.62 -4.89
N SER B 76 -9.37 18.64 -6.15
CA SER B 76 -10.29 18.87 -7.26
C SER B 76 -11.02 17.58 -7.59
N GLY B 77 -12.33 17.67 -7.83
CA GLY B 77 -13.10 16.50 -8.22
C GLY B 77 -13.55 15.64 -7.06
N VAL B 78 -13.30 16.11 -5.83
CA VAL B 78 -13.64 15.37 -4.62
C VAL B 78 -15.14 15.37 -4.36
N LYS B 79 -15.74 14.19 -4.21
CA LYS B 79 -17.16 14.10 -3.88
C LYS B 79 -17.36 13.91 -2.39
N SER B 80 -16.49 13.12 -1.77
CA SER B 80 -16.59 12.84 -0.36
C SER B 80 -15.23 12.59 0.28
N ILE B 81 -15.13 12.95 1.56
CA ILE B 81 -13.94 12.67 2.34
C ILE B 81 -14.41 11.83 3.51
N THR B 82 -13.74 10.70 3.74
CA THR B 82 -14.14 9.78 4.80
C THR B 82 -12.98 9.61 5.74
N ALA B 83 -13.18 10.04 6.99
CA ALA B 83 -12.13 10.01 7.99
C ALA B 83 -12.31 8.90 9.02
N THR B 84 -11.19 8.33 9.46
CA THR B 84 -11.21 7.35 10.52
C THR B 84 -10.41 7.91 11.70
N SER B 85 -11.07 8.01 12.85
CA SER B 85 -10.43 8.49 14.06
C SER B 85 -10.59 7.42 15.10
N GLY B 86 -10.01 7.62 16.28
CA GLY B 86 -10.13 6.64 17.35
C GLY B 86 -8.87 6.51 18.20
N ASP B 87 -8.80 5.43 18.97
CA ASP B 87 -7.68 5.22 19.87
C ASP B 87 -6.50 4.57 19.13
N PHE B 88 -5.42 5.32 18.99
CA PHE B 88 -4.24 4.85 18.27
C PHE B 88 -3.55 3.76 19.08
N GLN B 89 -3.11 2.69 18.41
CA GLN B 89 -2.40 1.60 19.08
C GLN B 89 -1.15 2.10 19.79
N TYR B 90 -0.56 3.16 19.25
CA TYR B 90 0.69 3.68 19.78
C TYR B 90 0.47 4.93 20.63
N GLY B 91 -0.76 5.10 21.11
CA GLY B 91 -1.08 6.13 22.09
C GLY B 91 -1.93 7.29 21.62
N GLY B 92 -2.93 7.64 22.44
CA GLY B 92 -3.73 8.83 22.20
C GLY B 92 -4.93 8.65 21.29
N GLN B 93 -5.79 9.66 21.27
CA GLN B 93 -6.90 9.69 20.33
C GLN B 93 -6.42 10.43 19.09
N GLN B 94 -6.40 9.74 17.95
CA GLN B 94 -5.80 10.31 16.74
C GLN B 94 -6.68 10.17 15.51
N LEU B 95 -6.43 11.05 14.53
CA LEU B 95 -6.95 10.88 13.19
C LEU B 95 -6.00 9.92 12.47
N VAL B 96 -6.50 8.74 12.10
CA VAL B 96 -5.62 7.71 11.55
C VAL B 96 -5.73 7.46 10.05
N ALA B 97 -6.85 7.86 9.44
CA ALA B 97 -7.06 7.59 8.02
C ALA B 97 -7.99 8.58 7.33
N LEU B 98 -7.66 8.91 6.09
CA LEU B 98 -8.52 9.74 5.25
C LEU B 98 -8.68 9.13 3.87
N THR B 99 -9.92 8.90 3.45
CA THR B 99 -10.17 8.41 2.10
C THR B 99 -10.88 9.44 1.25
N PHE B 100 -10.23 9.81 0.14
CA PHE B 100 -10.78 10.79 -0.77
C PHE B 100 -11.45 10.09 -1.93
N THR B 101 -12.75 10.34 -2.08
CA THR B 101 -13.52 9.74 -3.16
C THR B 101 -13.88 10.78 -4.20
N TYR B 102 -13.62 10.45 -5.46
CA TYR B 102 -13.87 11.39 -6.55
C TYR B 102 -15.17 11.07 -7.28
N GLN B 103 -15.67 12.02 -8.08
CA GLN B 103 -16.96 11.85 -8.75
C GLN B 103 -17.01 10.62 -9.65
N ASP B 104 -15.85 10.24 -10.20
CA ASP B 104 -15.76 9.11 -11.13
C ASP B 104 -15.48 7.79 -10.41
N GLY B 105 -15.57 7.80 -9.09
CA GLY B 105 -15.42 6.59 -8.30
C GLY B 105 -14.01 6.32 -7.84
N ARG B 106 -13.05 7.14 -8.27
CA ARG B 106 -11.65 7.01 -7.84
C ARG B 106 -11.53 7.16 -6.32
N GLN B 107 -10.60 6.42 -5.72
CA GLN B 107 -10.39 6.54 -4.27
C GLN B 107 -8.91 6.63 -3.91
N GLN B 108 -8.58 7.67 -3.16
CA GLN B 108 -7.23 7.83 -2.65
C GLN B 108 -7.26 7.80 -1.13
N THR B 109 -6.39 7.00 -0.56
CA THR B 109 -6.36 6.86 0.88
C THR B 109 -4.97 7.14 1.43
N VAL B 110 -4.92 7.88 2.52
CA VAL B 110 -3.71 8.05 3.31
C VAL B 110 -4.00 7.58 4.74
N GLY B 111 -3.00 7.01 5.39
CA GLY B 111 -3.17 6.53 6.75
C GLY B 111 -3.48 5.05 6.83
N SER B 112 -4.05 4.64 7.95
CA SER B 112 -4.34 3.23 8.20
C SER B 112 -5.52 3.04 9.15
N LYS B 113 -6.17 1.88 9.06
CA LYS B 113 -7.22 1.51 10.01
C LYS B 113 -6.79 0.29 10.84
N ALA B 114 -5.55 -0.14 10.65
CA ALA B 114 -5.07 -1.38 11.27
C ALA B 114 -4.52 -1.15 12.68
N TYR B 115 -4.36 0.11 13.07
CA TYR B 115 -3.77 0.43 14.36
C TYR B 115 -4.67 1.33 15.19
N VAL B 116 -5.97 1.11 15.11
CA VAL B 116 -6.93 1.93 15.84
C VAL B 116 -8.03 1.05 16.44
N THR B 117 -8.52 1.43 17.62
CA THR B 117 -9.64 0.71 18.23
C THR B 117 -10.71 1.73 18.64
N ASN B 118 -11.94 1.25 18.79
CA ASN B 118 -13.07 2.12 19.08
C ASN B 118 -13.09 3.26 18.08
N ALA B 119 -13.04 2.91 16.81
CA ALA B 119 -12.79 3.87 15.75
C ALA B 119 -14.06 4.52 15.26
N HIS B 120 -13.95 5.74 14.74
CA HIS B 120 -15.09 6.40 14.13
C HIS B 120 -14.86 6.45 12.63
N GLU B 121 -15.92 6.28 11.87
CA GLU B 121 -15.81 6.48 10.43
C GLU B 121 -16.85 7.54 10.08
N ASP B 122 -16.39 8.77 9.89
CA ASP B 122 -17.29 9.86 9.56
C ASP B 122 -17.07 10.34 8.14
N ARG B 123 -18.14 10.34 7.35
CA ARG B 123 -18.06 10.81 5.98
C ARG B 123 -18.62 12.20 5.78
N PHE B 124 -17.88 13.01 5.03
CA PHE B 124 -18.34 14.32 4.63
C PHE B 124 -18.59 14.27 3.14
N ASP B 125 -19.86 14.43 2.76
CA ASP B 125 -20.25 14.42 1.36
C ASP B 125 -20.30 15.85 0.84
N LEU B 126 -19.46 16.14 -0.14
CA LEU B 126 -19.44 17.47 -0.74
C LEU B 126 -20.63 17.57 -1.70
N PRO B 127 -21.26 18.75 -1.75
CA PRO B 127 -22.31 18.99 -2.75
C PRO B 127 -21.71 19.00 -4.14
N ASP B 128 -22.51 18.76 -5.17
CA ASP B 128 -22.00 18.74 -6.55
C ASP B 128 -21.39 20.10 -6.90
N ALA B 129 -20.23 20.07 -7.56
CA ALA B 129 -19.49 21.28 -7.95
C ALA B 129 -19.17 22.16 -6.74
N ALA B 130 -18.42 21.60 -5.80
CA ALA B 130 -18.03 22.32 -4.61
C ALA B 130 -16.52 22.27 -4.50
N LYS B 131 -15.92 23.41 -4.20
CA LYS B 131 -14.48 23.49 -4.09
C LYS B 131 -14.04 23.72 -2.65
N ILE B 132 -13.07 22.92 -2.20
CA ILE B 132 -12.48 23.08 -0.88
C ILE B 132 -11.54 24.28 -0.89
N THR B 133 -11.81 25.26 -0.04
CA THR B 133 -11.07 26.52 -0.06
C THR B 133 -10.23 26.75 1.20
N GLN B 134 -10.60 26.12 2.30
CA GLN B 134 -9.90 26.31 3.57
C GLN B 134 -9.71 25.02 4.37
N LEU B 135 -8.61 24.96 5.10
CA LEU B 135 -8.32 23.82 5.98
C LEU B 135 -8.20 24.27 7.43
N LYS B 136 -8.90 23.59 8.33
CA LYS B 136 -8.65 23.77 9.76
C LYS B 136 -8.10 22.45 10.26
N ILE B 137 -6.88 22.47 10.79
CA ILE B 137 -6.21 21.23 11.19
C ILE B 137 -5.90 21.23 12.68
N TRP B 138 -6.40 20.23 13.39
CA TRP B 138 -6.09 20.08 14.81
C TRP B 138 -5.02 19.02 15.00
N ALA B 139 -3.88 19.42 15.54
CA ALA B 139 -2.77 18.50 15.73
C ALA B 139 -1.99 18.87 16.99
N ASP B 140 -1.12 17.97 17.41
CA ASP B 140 -0.11 18.26 18.41
C ASP B 140 1.27 18.27 17.75
N ASP B 141 2.29 17.93 18.54
CA ASP B 141 3.67 17.91 18.09
C ASP B 141 3.98 16.61 17.36
N TRP B 142 3.01 15.71 17.40
CA TRP B 142 3.15 14.33 16.95
C TRP B 142 2.27 13.99 15.77
N LEU B 143 0.97 14.08 16.00
CA LEU B 143 -0.03 13.57 15.06
C LEU B 143 -1.20 14.55 14.94
N VAL B 144 -1.96 14.39 13.87
CA VAL B 144 -3.17 15.16 13.65
C VAL B 144 -4.36 14.54 14.40
N LYS B 145 -5.16 15.37 15.05
CA LYS B 145 -6.36 14.89 15.75
C LYS B 145 -7.62 15.06 14.92
N GLY B 146 -7.70 16.14 14.16
CA GLY B 146 -8.88 16.41 13.36
C GLY B 146 -8.60 17.37 12.22
N VAL B 147 -9.54 17.42 11.28
CA VAL B 147 -9.41 18.29 10.13
C VAL B 147 -10.80 18.73 9.72
N GLN B 148 -10.92 19.97 9.27
CA GLN B 148 -12.18 20.49 8.78
C GLN B 148 -11.94 21.13 7.44
N PHE B 149 -12.84 20.86 6.49
CA PHE B 149 -12.69 21.39 5.15
C PHE B 149 -13.81 22.39 4.90
N ASP B 150 -13.43 23.63 4.63
CA ASP B 150 -14.39 24.69 4.37
C ASP B 150 -14.61 24.80 2.87
N LEU B 151 -15.83 25.11 2.45
CA LEU B 151 -16.16 25.08 1.04
C LEU B 151 -16.50 26.47 0.51
N ASN B 152 -16.29 26.65 -0.81
CA ASN B 152 -16.45 27.93 -1.53
C ASN B 152 -16.60 29.21 -0.71
N MET C 21 28.95 27.20 -15.70
CA MET C 21 29.66 26.09 -15.08
C MET C 21 28.76 24.87 -14.88
N SER C 22 29.32 23.68 -15.06
CA SER C 22 28.56 22.44 -14.87
C SER C 22 29.31 21.45 -13.95
N SER C 23 28.56 20.57 -13.31
CA SER C 23 29.14 19.51 -12.51
C SER C 23 29.54 18.36 -13.45
N PRO C 24 30.31 17.38 -12.95
CA PRO C 24 30.44 16.19 -13.80
C PRO C 24 29.15 15.39 -13.75
N ILE C 25 29.00 14.41 -14.64
CA ILE C 25 27.83 13.56 -14.60
C ILE C 25 28.01 12.53 -13.49
N LEU C 26 27.18 12.64 -12.45
CA LEU C 26 27.27 11.76 -11.31
C LEU C 26 26.40 10.52 -11.55
N GLY C 27 27.03 9.38 -11.74
CA GLY C 27 26.30 8.16 -12.04
C GLY C 27 26.44 7.78 -13.50
N TYR C 28 25.35 7.31 -14.10
CA TYR C 28 25.39 6.84 -15.48
C TYR C 28 24.54 7.67 -16.43
N THR C 29 24.99 7.76 -17.67
CA THR C 29 24.26 8.48 -18.72
C THR C 29 23.46 7.46 -19.53
N GLN C 30 22.61 6.70 -18.84
CA GLN C 30 21.69 5.77 -19.49
C GLN C 30 20.27 6.31 -19.33
N GLY C 31 19.33 5.73 -20.08
CA GLY C 31 17.97 6.20 -20.03
C GLY C 31 17.84 7.55 -20.73
N LYS C 32 16.64 8.14 -20.67
CA LYS C 32 16.40 9.43 -21.31
C LYS C 32 16.84 10.56 -20.38
N MET C 33 17.31 11.65 -20.98
CA MET C 33 17.75 12.81 -20.21
C MET C 33 16.65 13.85 -20.09
N ASN C 34 16.38 14.30 -18.88
CA ASN C 34 15.46 15.39 -18.65
C ASN C 34 16.20 16.59 -18.07
N GLN C 35 15.80 17.80 -18.47
CA GLN C 35 16.47 19.01 -18.00
C GLN C 35 15.48 19.96 -17.35
N GLN C 36 15.79 20.40 -16.13
CA GLN C 36 14.88 21.24 -15.38
C GLN C 36 15.61 22.40 -14.71
N ARG C 37 15.04 23.59 -14.79
CA ARG C 37 15.56 24.74 -14.07
C ARG C 37 15.13 24.62 -12.61
N VAL C 38 16.02 24.99 -11.69
CA VAL C 38 15.73 24.88 -10.27
C VAL C 38 14.70 25.94 -9.86
N GLY C 39 13.70 25.53 -9.10
CA GLY C 39 12.61 26.42 -8.72
C GLY C 39 13.04 27.54 -7.77
N GLN C 40 12.12 28.45 -7.49
CA GLN C 40 12.40 29.59 -6.63
C GLN C 40 12.63 29.17 -5.18
N ASP C 41 12.11 27.99 -4.82
CA ASP C 41 12.22 27.49 -3.46
C ASP C 41 13.59 26.84 -3.19
N ASN C 42 14.36 26.68 -4.26
CA ASN C 42 15.71 26.12 -4.19
C ASN C 42 15.74 24.70 -3.65
N ARG C 43 14.72 23.91 -3.97
CA ARG C 43 14.70 22.55 -3.44
C ARG C 43 14.85 21.48 -4.52
N LEU C 44 15.55 20.40 -4.16
CA LEU C 44 15.66 19.23 -5.00
C LEU C 44 14.70 18.20 -4.46
N TYR C 45 13.74 17.79 -5.28
CA TYR C 45 12.76 16.81 -4.81
C TYR C 45 13.20 15.40 -5.17
N VAL C 46 13.09 14.50 -4.20
CA VAL C 46 13.69 13.18 -4.31
C VAL C 46 12.69 12.09 -3.97
N ARG C 47 12.72 11.02 -4.74
CA ARG C 47 12.09 9.78 -4.33
C ARG C 47 13.22 8.77 -4.21
N ALA C 48 13.37 8.17 -3.03
CA ALA C 48 14.50 7.28 -2.78
C ALA C 48 14.21 6.21 -1.73
N GLY C 49 15.00 5.15 -1.77
CA GLY C 49 14.91 4.07 -0.81
C GLY C 49 16.25 3.35 -0.76
N ALA C 50 16.31 2.17 -1.36
CA ALA C 50 17.58 1.47 -1.49
C ALA C 50 18.38 2.10 -2.63
N ALA C 51 17.70 2.88 -3.46
CA ALA C 51 18.36 3.62 -4.53
C ALA C 51 17.59 4.92 -4.80
N ILE C 52 17.93 5.61 -5.88
CA ILE C 52 17.26 6.84 -6.23
C ILE C 52 16.15 6.56 -7.24
N ASP C 53 14.89 6.62 -6.79
CA ASP C 53 13.76 6.34 -7.66
C ASP C 53 13.50 7.50 -8.62
N ALA C 54 13.52 8.73 -8.11
CA ALA C 54 13.19 9.89 -8.93
C ALA C 54 13.84 11.19 -8.42
N LEU C 55 14.05 12.13 -9.34
CA LEU C 55 14.53 13.46 -9.00
C LEU C 55 13.74 14.50 -9.77
N GLY C 56 13.72 15.73 -9.26
CA GLY C 56 13.01 16.81 -9.94
C GLY C 56 13.14 18.17 -9.26
N SER C 57 12.78 19.21 -10.00
CA SER C 57 12.86 20.58 -9.51
C SER C 57 11.60 20.93 -8.73
N ALA C 58 10.59 20.06 -8.86
CA ALA C 58 9.31 20.21 -8.17
C ALA C 58 8.68 18.84 -7.97
N SER C 59 7.71 18.74 -7.06
CA SER C 59 7.07 17.44 -6.80
C SER C 59 6.22 16.93 -7.96
N ASP C 60 5.71 17.85 -8.77
CA ASP C 60 4.96 17.49 -9.98
C ASP C 60 5.91 17.17 -11.15
N LEU C 61 7.18 17.56 -11.04
CA LEU C 61 8.14 17.36 -12.13
C LEU C 61 9.19 16.30 -11.80
N LEU C 62 8.76 15.21 -11.15
CA LEU C 62 9.68 14.13 -10.81
C LEU C 62 10.02 13.31 -12.06
N VAL C 63 11.30 12.97 -12.20
CA VAL C 63 11.74 12.12 -13.29
C VAL C 63 12.23 10.80 -12.72
N GLY C 64 11.58 9.70 -13.10
CA GLY C 64 11.92 8.39 -12.56
C GLY C 64 10.68 7.62 -12.14
N GLY C 65 10.83 6.74 -11.16
CA GLY C 65 9.73 5.90 -10.72
C GLY C 65 8.94 6.47 -9.56
N ASN C 66 7.98 5.69 -9.08
CA ASN C 66 7.05 6.10 -8.03
C ASN C 66 7.27 5.31 -6.73
N GLY C 67 8.38 4.57 -6.67
CA GLY C 67 8.69 3.78 -5.49
C GLY C 67 9.42 4.61 -4.45
N GLY C 68 9.84 3.99 -3.36
CA GLY C 68 10.58 4.71 -2.34
C GLY C 68 9.67 5.70 -1.65
N SER C 69 10.24 6.61 -0.86
CA SER C 69 9.45 7.62 -0.18
C SER C 69 9.82 9.03 -0.66
N LEU C 70 8.85 9.94 -0.64
CA LEU C 70 9.06 11.30 -1.17
C LEU C 70 9.75 12.22 -0.16
N SER C 71 10.71 13.00 -0.64
CA SER C 71 11.47 13.90 0.22
C SER C 71 12.06 15.07 -0.56
N SER C 72 12.55 16.07 0.17
CA SER C 72 13.08 17.29 -0.44
C SER C 72 14.44 17.63 0.11
N VAL C 73 15.23 18.37 -0.66
CA VAL C 73 16.57 18.77 -0.23
C VAL C 73 16.83 20.23 -0.59
N ASP C 74 17.27 21.02 0.38
CA ASP C 74 17.66 22.40 0.12
C ASP C 74 18.98 22.45 -0.63
N LEU C 75 18.98 23.14 -1.78
CA LEU C 75 20.16 23.20 -2.64
C LEU C 75 21.06 24.38 -2.32
N SER C 76 20.59 25.27 -1.47
CA SER C 76 21.39 26.42 -1.04
C SER C 76 22.33 26.01 0.09
N GLY C 77 23.54 26.54 0.08
CA GLY C 77 24.49 26.25 1.13
C GLY C 77 25.27 24.99 0.88
N VAL C 78 25.11 24.42 -0.30
CA VAL C 78 25.82 23.19 -0.65
C VAL C 78 27.30 23.48 -0.90
N LYS C 79 28.17 22.76 -0.19
CA LYS C 79 29.61 22.86 -0.40
C LYS C 79 30.04 21.75 -1.34
N SER C 80 29.44 20.58 -1.17
CA SER C 80 29.77 19.40 -1.94
C SER C 80 28.59 18.47 -2.16
N ILE C 81 28.57 17.77 -3.28
CA ILE C 81 27.60 16.71 -3.52
C ILE C 81 28.35 15.42 -3.81
N THR C 82 27.98 14.35 -3.11
CA THR C 82 28.67 13.07 -3.27
C THR C 82 27.66 12.02 -3.71
N ALA C 83 27.87 11.46 -4.90
CA ALA C 83 26.95 10.49 -5.45
C ALA C 83 27.51 9.08 -5.33
N THR C 84 26.63 8.12 -5.05
CA THR C 84 27.03 6.72 -5.03
C THR C 84 26.26 5.98 -6.13
N SER C 85 27.00 5.38 -7.06
CA SER C 85 26.41 4.61 -8.14
C SER C 85 27.01 3.20 -8.12
N GLY C 86 26.56 2.35 -9.04
CA GLY C 86 27.08 1.00 -9.10
C GLY C 86 26.04 -0.02 -9.50
N ASP C 87 26.33 -1.29 -9.24
CA ASP C 87 25.41 -2.37 -9.59
C ASP C 87 24.38 -2.54 -8.48
N PHE C 88 23.13 -2.24 -8.81
CA PHE C 88 22.04 -2.34 -7.85
C PHE C 88 21.74 -3.81 -7.60
N GLN C 89 21.53 -4.15 -6.33
CA GLN C 89 21.26 -5.51 -5.90
C GLN C 89 19.99 -6.07 -6.56
N TYR C 90 19.07 -5.18 -6.92
CA TYR C 90 17.81 -5.62 -7.47
C TYR C 90 17.77 -5.41 -8.99
N GLY C 91 18.97 -5.29 -9.56
CA GLY C 91 19.15 -5.30 -11.00
C GLY C 91 19.56 -3.96 -11.59
N GLY C 92 20.56 -3.99 -12.47
CA GLY C 92 20.94 -2.78 -13.20
C GLY C 92 21.96 -1.88 -12.54
N GLN C 93 22.45 -0.93 -13.32
CA GLN C 93 23.34 0.11 -12.82
C GLN C 93 22.54 1.35 -12.46
N GLN C 94 22.57 1.74 -11.19
CA GLN C 94 21.70 2.81 -10.73
C GLN C 94 22.45 3.85 -9.91
N LEU C 95 21.87 5.04 -9.82
CA LEU C 95 22.30 6.01 -8.84
C LEU C 95 21.61 5.58 -7.56
N VAL C 96 22.39 5.21 -6.54
CA VAL C 96 21.80 4.65 -5.32
C VAL C 96 21.79 5.61 -4.13
N ALA C 97 22.64 6.63 -4.15
CA ALA C 97 22.71 7.56 -3.03
C ALA C 97 23.26 8.93 -3.40
N LEU C 98 22.71 9.96 -2.75
CA LEU C 98 23.22 11.32 -2.86
C LEU C 98 23.43 11.88 -1.46
N THR C 99 24.66 12.31 -1.18
CA THR C 99 24.93 12.97 0.09
C THR C 99 25.31 14.43 -0.14
N PHE C 100 24.53 15.33 0.43
CA PHE C 100 24.78 16.76 0.29
C PHE C 100 25.48 17.29 1.53
N THR C 101 26.64 17.89 1.34
CA THR C 101 27.37 18.47 2.46
C THR C 101 27.27 19.98 2.40
N TYR C 102 26.88 20.60 3.51
CA TYR C 102 26.68 22.03 3.55
C TYR C 102 27.89 22.76 4.14
N GLN C 103 27.94 24.07 3.94
CA GLN C 103 29.09 24.85 4.34
C GLN C 103 29.41 24.76 5.84
N ASP C 104 28.37 24.56 6.66
CA ASP C 104 28.55 24.50 8.11
C ASP C 104 28.82 23.09 8.62
N GLY C 105 29.07 22.16 7.70
CA GLY C 105 29.43 20.79 8.06
C GLY C 105 28.26 19.82 8.13
N ARG C 106 27.04 20.33 7.98
CA ARG C 106 25.86 19.48 7.94
C ARG C 106 25.91 18.52 6.74
N GLN C 107 25.26 17.37 6.89
CA GLN C 107 25.17 16.41 5.80
C GLN C 107 23.74 15.91 5.63
N GLN C 108 23.23 16.00 4.39
CA GLN C 108 21.91 15.48 4.07
C GLN C 108 22.06 14.33 3.10
N THR C 109 21.44 13.20 3.41
CA THR C 109 21.59 12.01 2.57
C THR C 109 20.25 11.41 2.14
N VAL C 110 20.14 11.09 0.84
CA VAL C 110 19.02 10.34 0.29
C VAL C 110 19.51 9.08 -0.41
N GLY C 111 18.74 8.01 -0.34
CA GLY C 111 19.14 6.76 -0.95
C GLY C 111 19.85 5.85 0.05
N SER C 112 20.67 4.94 -0.48
CA SER C 112 21.38 3.97 0.36
C SER C 112 22.68 3.53 -0.29
N LYS C 113 23.63 3.08 0.54
CA LYS C 113 24.89 2.51 0.06
C LYS C 113 24.93 1.02 0.41
N ALA C 114 23.82 0.53 0.94
CA ALA C 114 23.75 -0.82 1.48
C ALA C 114 23.36 -1.90 0.46
N TYR C 115 22.93 -1.47 -0.72
CA TYR C 115 22.50 -2.42 -1.74
C TYR C 115 23.24 -2.21 -3.06
N VAL C 116 24.54 -1.91 -2.96
CA VAL C 116 25.34 -1.65 -4.16
C VAL C 116 26.70 -2.34 -4.06
N THR C 117 27.19 -2.82 -5.20
CA THR C 117 28.53 -3.42 -5.30
C THR C 117 29.19 -2.82 -6.52
N ASN C 118 30.52 -2.92 -6.59
CA ASN C 118 31.28 -2.32 -7.67
C ASN C 118 30.87 -0.86 -7.82
N ALA C 119 30.90 -0.17 -6.69
CA ALA C 119 30.30 1.16 -6.57
C ALA C 119 31.24 2.30 -6.90
N HIS C 120 30.69 3.43 -7.31
CA HIS C 120 31.49 4.62 -7.45
C HIS C 120 31.04 5.61 -6.40
N GLU C 121 31.98 6.34 -5.81
CA GLU C 121 31.60 7.43 -4.93
C GLU C 121 32.21 8.65 -5.54
N ASP C 122 31.40 9.43 -6.23
CA ASP C 122 31.91 10.60 -6.91
C ASP C 122 31.47 11.87 -6.20
N ARG C 123 32.46 12.64 -5.76
CA ARG C 123 32.20 13.91 -5.11
C ARG C 123 32.42 15.08 -6.05
N PHE C 124 31.47 16.02 -6.01
CA PHE C 124 31.57 17.26 -6.75
C PHE C 124 31.69 18.39 -5.75
N ASP C 125 32.83 19.07 -5.77
CA ASP C 125 33.07 20.19 -4.87
C ASP C 125 32.63 21.48 -5.55
N LEU C 126 31.66 22.15 -4.94
CA LEU C 126 31.17 23.42 -5.47
C LEU C 126 32.12 24.56 -5.10
N PRO C 127 32.28 25.53 -6.02
CA PRO C 127 33.02 26.75 -5.70
C PRO C 127 32.26 27.50 -4.59
N ASP C 128 32.93 28.36 -3.84
CA ASP C 128 32.29 29.05 -2.71
C ASP C 128 31.09 29.92 -3.12
N ALA C 129 30.01 29.79 -2.36
CA ALA C 129 28.78 30.55 -2.60
C ALA C 129 28.33 30.42 -4.04
N ALA C 130 28.08 29.19 -4.47
CA ALA C 130 27.72 28.93 -5.86
C ALA C 130 26.32 28.38 -5.87
N LYS C 131 25.54 28.87 -6.82
CA LYS C 131 24.14 28.52 -6.86
C LYS C 131 23.82 27.50 -7.96
N ILE C 132 23.13 26.44 -7.55
CA ILE C 132 22.65 25.43 -8.49
C ILE C 132 21.43 25.96 -9.22
N THR C 133 21.51 26.04 -10.55
CA THR C 133 20.46 26.65 -11.35
C THR C 133 19.72 25.66 -12.24
N GLN C 134 20.37 24.55 -12.58
CA GLN C 134 19.76 23.56 -13.48
C GLN C 134 20.02 22.12 -13.07
N LEU C 135 19.07 21.24 -13.39
CA LEU C 135 19.22 19.82 -13.13
C LEU C 135 19.16 19.07 -14.45
N LYS C 136 20.12 18.16 -14.65
CA LYS C 136 20.04 17.21 -15.76
C LYS C 136 19.90 15.84 -15.13
N ILE C 137 18.78 15.18 -15.39
CA ILE C 137 18.50 13.91 -14.74
C ILE C 137 18.32 12.79 -15.76
N TRP C 138 19.11 11.73 -15.60
CA TRP C 138 19.00 10.55 -16.45
C TRP C 138 18.25 9.43 -15.72
N ALA C 139 17.13 9.00 -16.29
CA ALA C 139 16.32 7.95 -15.65
C ALA C 139 15.62 7.04 -16.66
N ASP C 140 15.13 5.90 -16.18
CA ASP C 140 14.21 5.08 -16.96
C ASP C 140 12.81 5.15 -16.33
N ASP C 141 12.04 4.08 -16.49
CA ASP C 141 10.69 4.04 -15.95
C ASP C 141 10.70 3.68 -14.46
N TRP C 142 11.89 3.33 -13.97
CA TRP C 142 12.09 2.79 -12.63
C TRP C 142 12.91 3.66 -11.69
N LEU C 143 14.16 3.91 -12.07
CA LEU C 143 15.14 4.52 -11.18
C LEU C 143 15.97 5.54 -11.94
N VAL C 144 16.63 6.42 -11.20
CA VAL C 144 17.52 7.42 -11.79
C VAL C 144 18.90 6.80 -12.06
N LYS C 145 19.47 7.09 -13.22
CA LYS C 145 20.77 6.53 -13.58
C LYS C 145 21.89 7.47 -13.20
N GLY C 146 21.67 8.74 -13.47
CA GLY C 146 22.68 9.75 -13.24
C GLY C 146 22.05 11.12 -13.20
N VAL C 147 22.80 12.08 -12.68
CA VAL C 147 22.32 13.43 -12.52
C VAL C 147 23.49 14.40 -12.71
N GLN C 148 23.19 15.57 -13.27
CA GLN C 148 24.21 16.62 -13.42
C GLN C 148 23.64 17.94 -12.93
N PHE C 149 24.46 18.67 -12.16
CA PHE C 149 24.02 19.92 -11.57
C PHE C 149 24.76 21.07 -12.23
N ASP C 150 24.00 21.99 -12.83
CA ASP C 150 24.62 23.14 -13.46
C ASP C 150 24.63 24.32 -12.49
N LEU C 151 25.68 25.14 -12.54
CA LEU C 151 25.85 26.23 -11.57
C LEU C 151 25.77 27.60 -12.24
N ASN C 152 25.36 28.60 -11.46
CA ASN C 152 25.13 29.98 -11.90
C ASN C 152 25.02 30.22 -13.40
N MET D 21 10.59 3.54 27.31
CA MET D 21 11.88 2.89 27.07
C MET D 21 13.01 3.92 26.90
N SER D 22 14.25 3.44 26.95
CA SER D 22 15.41 4.31 26.75
C SER D 22 16.36 3.72 25.70
N SER D 23 17.16 4.59 25.11
CA SER D 23 18.14 4.17 24.11
C SER D 23 19.32 3.57 24.86
N PRO D 24 20.26 2.96 24.14
CA PRO D 24 21.48 2.71 24.89
C PRO D 24 22.23 4.03 25.05
N ILE D 25 23.21 4.08 25.93
CA ILE D 25 24.02 5.28 26.06
C ILE D 25 25.02 5.32 24.92
N LEU D 26 24.87 6.32 24.05
CA LEU D 26 25.72 6.45 22.87
C LEU D 26 26.96 7.24 23.19
N GLY D 27 28.12 6.59 23.13
CA GLY D 27 29.38 7.28 23.42
C GLY D 27 29.93 6.92 24.78
N TYR D 28 30.48 7.91 25.48
CA TYR D 28 31.06 7.68 26.79
C TYR D 28 30.30 8.41 27.87
N THR D 29 30.27 7.81 29.06
CA THR D 29 29.62 8.42 30.21
C THR D 29 30.67 9.14 31.03
N GLN D 30 31.39 10.07 30.40
CA GLN D 30 32.36 10.91 31.10
C GLN D 30 31.85 12.35 31.17
N GLY D 31 32.48 13.17 32.01
CA GLY D 31 32.01 14.54 32.20
C GLY D 31 30.72 14.53 33.01
N LYS D 32 30.09 15.69 33.15
CA LYS D 32 28.85 15.77 33.91
C LYS D 32 27.68 15.40 33.03
N MET D 33 26.66 14.80 33.63
CA MET D 33 25.47 14.43 32.90
C MET D 33 24.42 15.52 33.06
N ASN D 34 23.86 15.97 31.94
CA ASN D 34 22.74 16.88 31.96
C ASN D 34 21.50 16.16 31.44
N GLN D 35 20.36 16.45 32.05
CA GLN D 35 19.12 15.76 31.67
C GLN D 35 18.05 16.78 31.32
N GLN D 36 17.48 16.68 30.13
CA GLN D 36 16.53 17.68 29.64
C GLN D 36 15.30 17.08 28.98
N ARG D 37 14.14 17.63 29.29
CA ARG D 37 12.91 17.23 28.61
C ARG D 37 12.90 17.89 27.23
N VAL D 38 12.51 17.13 26.22
CA VAL D 38 12.46 17.63 24.84
C VAL D 38 11.26 18.55 24.66
N GLY D 39 11.47 19.68 24.00
CA GLY D 39 10.43 20.70 23.80
C GLY D 39 9.26 20.33 22.91
N GLN D 40 8.30 21.25 22.80
CA GLN D 40 7.14 21.04 21.94
C GLN D 40 7.53 21.08 20.46
N ASP D 41 8.63 21.74 20.14
CA ASP D 41 9.10 21.84 18.76
C ASP D 41 9.85 20.57 18.36
N ASN D 42 10.10 19.73 19.36
CA ASN D 42 10.67 18.40 19.14
C ASN D 42 12.06 18.47 18.50
N ARG D 43 12.85 19.48 18.86
CA ARG D 43 14.13 19.65 18.19
C ARG D 43 15.34 19.40 19.05
N LEU D 44 16.37 18.81 18.42
CA LEU D 44 17.67 18.63 19.04
C LEU D 44 18.58 19.71 18.50
N TYR D 45 19.12 20.53 19.39
CA TYR D 45 20.05 21.56 18.96
C TYR D 45 21.47 21.05 19.09
N VAL D 46 22.27 21.28 18.07
CA VAL D 46 23.56 20.63 17.96
C VAL D 46 24.62 21.68 17.69
N ARG D 47 25.77 21.53 18.33
CA ARG D 47 26.96 22.26 17.93
C ARG D 47 28.02 21.26 17.50
N ALA D 48 28.50 21.38 16.27
CA ALA D 48 29.43 20.38 15.76
C ALA D 48 30.40 20.93 14.73
N GLY D 49 31.51 20.20 14.58
CA GLY D 49 32.53 20.49 13.60
C GLY D 49 33.28 19.21 13.31
N ALA D 50 34.49 19.09 13.88
CA ALA D 50 35.25 17.85 13.78
C ALA D 50 34.71 16.83 14.79
N ALA D 51 33.94 17.33 15.77
CA ALA D 51 33.28 16.47 16.74
C ALA D 51 31.99 17.14 17.19
N ILE D 52 31.36 16.59 18.22
CA ILE D 52 30.13 17.17 18.74
C ILE D 52 30.46 18.09 19.92
N ASP D 53 30.34 19.40 19.71
CA ASP D 53 30.68 20.38 20.74
C ASP D 53 29.60 20.46 21.82
N ALA D 54 28.35 20.48 21.40
CA ALA D 54 27.25 20.62 22.35
C ALA D 54 25.95 20.04 21.81
N LEU D 55 25.07 19.63 22.73
CA LEU D 55 23.74 19.16 22.39
C LEU D 55 22.77 19.80 23.37
N GLY D 56 21.49 19.90 22.98
CA GLY D 56 20.51 20.50 23.87
C GLY D 56 19.08 20.48 23.35
N SER D 57 18.13 20.73 24.25
CA SER D 57 16.71 20.75 23.91
C SER D 57 16.29 22.12 23.41
N ALA D 58 17.19 23.10 23.59
CA ALA D 58 16.94 24.47 23.16
C ALA D 58 18.26 25.18 22.88
N SER D 59 18.20 26.33 22.20
CA SER D 59 19.42 27.08 21.94
C SER D 59 19.98 27.67 23.23
N ASP D 60 19.11 27.88 24.22
CA ASP D 60 19.52 28.37 25.53
C ASP D 60 20.14 27.26 26.37
N LEU D 61 19.82 26.02 26.04
CA LEU D 61 20.17 24.89 26.90
C LEU D 61 21.22 23.97 26.28
N LEU D 62 22.23 24.55 25.63
CA LEU D 62 23.29 23.73 25.06
C LEU D 62 24.18 23.21 26.18
N VAL D 63 24.52 21.94 26.12
CA VAL D 63 25.45 21.35 27.08
C VAL D 63 26.71 20.96 26.32
N GLY D 64 27.82 21.58 26.69
CA GLY D 64 29.07 21.36 25.97
C GLY D 64 29.74 22.70 25.70
N GLY D 65 30.54 22.76 24.65
CA GLY D 65 31.30 23.97 24.34
C GLY D 65 30.60 24.93 23.40
N ASN D 66 31.34 25.97 23.00
CA ASN D 66 30.81 27.01 22.13
C ASN D 66 31.48 26.97 20.74
N GLY D 67 32.23 25.89 20.48
CA GLY D 67 32.93 25.75 19.21
C GLY D 67 32.07 25.12 18.13
N GLY D 68 32.65 24.90 16.95
CA GLY D 68 31.89 24.26 15.87
C GLY D 68 30.80 25.19 15.36
N SER D 69 29.88 24.66 14.55
CA SER D 69 28.78 25.48 14.06
C SER D 69 27.45 25.01 14.63
N LEU D 70 26.52 25.96 14.82
CA LEU D 70 25.22 25.68 15.42
C LEU D 70 24.24 25.14 14.38
N SER D 71 23.47 24.13 14.77
CA SER D 71 22.48 23.53 13.88
C SER D 71 21.40 22.82 14.68
N SER D 72 20.32 22.45 14.02
CA SER D 72 19.19 21.85 14.71
C SER D 72 18.78 20.56 14.03
N VAL D 73 18.12 19.67 14.77
CA VAL D 73 17.67 18.39 14.22
C VAL D 73 16.26 18.06 14.72
N ASP D 74 15.34 17.78 13.79
CA ASP D 74 13.99 17.36 14.16
C ASP D 74 14.02 15.92 14.67
N LEU D 75 13.54 15.73 15.90
CA LEU D 75 13.61 14.42 16.54
C LEU D 75 12.40 13.57 16.24
N SER D 76 11.39 14.19 15.63
CA SER D 76 10.19 13.48 15.28
C SER D 76 10.43 12.67 14.02
N GLY D 77 9.93 11.45 13.99
CA GLY D 77 10.08 10.63 12.80
C GLY D 77 11.39 9.89 12.74
N VAL D 78 12.15 9.94 13.82
CA VAL D 78 13.43 9.24 13.86
C VAL D 78 13.20 7.75 13.97
N LYS D 79 13.76 6.97 13.05
CA LYS D 79 13.67 5.51 13.14
C LYS D 79 14.92 4.99 13.83
N SER D 80 16.05 5.61 13.54
CA SER D 80 17.31 5.16 14.11
C SER D 80 18.31 6.30 14.34
N ILE D 81 19.12 6.16 15.38
CA ILE D 81 20.22 7.07 15.64
C ILE D 81 21.52 6.28 15.70
N THR D 82 22.53 6.72 14.96
CA THR D 82 23.82 6.03 14.94
C THR D 82 24.90 7.01 15.37
N ALA D 83 25.56 6.69 16.48
CA ALA D 83 26.60 7.57 17.03
C ALA D 83 27.97 6.99 16.75
N THR D 84 28.94 7.87 16.46
CA THR D 84 30.33 7.43 16.30
C THR D 84 31.15 8.10 17.39
N SER D 85 31.82 7.29 18.21
CA SER D 85 32.62 7.79 19.32
C SER D 85 34.06 7.32 19.18
N GLY D 86 34.93 7.76 20.08
CA GLY D 86 36.34 7.37 20.01
C GLY D 86 37.35 8.41 20.45
N ASP D 87 38.61 8.21 20.06
CA ASP D 87 39.69 9.11 20.44
C ASP D 87 39.78 10.30 19.50
N PHE D 88 39.51 11.49 20.03
CA PHE D 88 39.55 12.73 19.25
C PHE D 88 40.98 13.10 18.87
N GLN D 89 41.18 13.53 17.63
CA GLN D 89 42.49 13.92 17.14
C GLN D 89 43.11 15.03 17.98
N TYR D 90 42.27 15.87 18.58
CA TYR D 90 42.76 17.01 19.34
C TYR D 90 42.61 16.77 20.85
N GLY D 91 42.50 15.51 21.24
CA GLY D 91 42.51 15.15 22.65
C GLY D 91 41.21 14.63 23.22
N GLY D 92 41.31 13.56 24.01
CA GLY D 92 40.20 13.02 24.76
C GLY D 92 39.37 11.99 24.04
N GLN D 93 38.52 11.31 24.81
CA GLN D 93 37.54 10.40 24.25
C GLN D 93 36.27 11.20 24.02
N GLN D 94 35.82 11.27 22.78
CA GLN D 94 34.70 12.15 22.44
C GLN D 94 33.64 11.49 21.58
N LEU D 95 32.44 12.05 21.64
CA LEU D 95 31.39 11.77 20.68
C LEU D 95 31.68 12.66 19.47
N VAL D 96 31.98 12.04 18.33
CA VAL D 96 32.38 12.82 17.16
C VAL D 96 31.32 12.97 16.07
N ALA D 97 30.33 12.08 16.04
CA ALA D 97 29.32 12.14 14.97
C ALA D 97 27.98 11.51 15.35
N LEU D 98 26.91 12.12 14.86
CA LEU D 98 25.57 11.57 15.02
C LEU D 98 24.85 11.54 13.67
N THR D 99 24.37 10.37 13.27
CA THR D 99 23.57 10.25 12.05
C THR D 99 22.14 9.86 12.40
N PHE D 100 21.19 10.71 12.03
CA PHE D 100 19.78 10.47 12.32
C PHE D 100 19.09 9.94 11.07
N THR D 101 18.50 8.76 11.17
CA THR D 101 17.76 8.17 10.06
C THR D 101 16.27 8.20 10.36
N TYR D 102 15.49 8.67 9.40
CA TYR D 102 14.04 8.83 9.60
C TYR D 102 13.22 7.71 9.02
N GLN D 103 11.93 7.69 9.36
CA GLN D 103 11.04 6.63 8.90
C GLN D 103 10.97 6.50 7.39
N ASP D 104 11.10 7.63 6.70
CA ASP D 104 11.00 7.68 5.23
C ASP D 104 12.34 7.58 4.53
N GLY D 105 13.38 7.22 5.28
CA GLY D 105 14.69 6.99 4.68
C GLY D 105 15.60 8.21 4.65
N ARG D 106 15.08 9.36 5.09
CA ARG D 106 15.88 10.57 5.19
C ARG D 106 17.03 10.39 6.17
N GLN D 107 18.16 11.05 5.88
CA GLN D 107 19.33 10.96 6.74
C GLN D 107 19.98 12.31 7.00
N GLN D 108 20.16 12.65 8.27
CA GLN D 108 20.87 13.86 8.67
C GLN D 108 22.11 13.47 9.45
N THR D 109 23.24 14.10 9.15
CA THR D 109 24.46 13.80 9.88
C THR D 109 25.08 15.09 10.41
N VAL D 110 25.52 15.05 11.67
CA VAL D 110 26.32 16.12 12.27
C VAL D 110 27.63 15.57 12.81
N GLY D 111 28.68 16.38 12.75
CA GLY D 111 29.98 15.94 13.23
C GLY D 111 30.84 15.37 12.12
N SER D 112 31.81 14.55 12.51
CA SER D 112 32.76 13.97 11.57
C SER D 112 33.28 12.63 12.06
N LYS D 113 33.69 11.78 11.13
CA LYS D 113 34.30 10.50 11.47
C LYS D 113 35.76 10.52 11.02
N ALA D 114 36.20 11.68 10.55
CA ALA D 114 37.52 11.84 9.94
C ALA D 114 38.63 12.22 10.91
N TYR D 115 38.27 12.55 12.15
CA TYR D 115 39.26 13.00 13.12
C TYR D 115 39.24 12.14 14.37
N VAL D 116 39.05 10.83 14.17
CA VAL D 116 38.95 9.90 15.29
C VAL D 116 39.71 8.59 15.01
N THR D 117 40.25 7.99 16.07
CA THR D 117 40.87 6.66 15.98
C THR D 117 40.30 5.77 17.08
N ASN D 118 40.44 4.45 16.92
CA ASN D 118 39.89 3.47 17.86
C ASN D 118 38.42 3.73 18.14
N ALA D 119 37.65 3.88 17.06
CA ALA D 119 36.26 4.34 17.16
C ALA D 119 35.26 3.19 17.23
N HIS D 120 34.15 3.39 17.95
CA HIS D 120 33.03 2.44 17.92
C HIS D 120 31.74 3.15 17.49
N GLU D 121 30.83 2.37 16.88
CA GLU D 121 29.53 2.89 16.47
C GLU D 121 28.42 2.28 17.31
N ASP D 122 27.66 3.14 17.99
CA ASP D 122 26.53 2.68 18.79
C ASP D 122 25.26 2.99 18.01
N ARG D 123 24.52 1.95 17.65
CA ARG D 123 23.29 2.13 16.89
C ARG D 123 22.06 1.96 17.78
N PHE D 124 21.12 2.89 17.69
CA PHE D 124 19.87 2.72 18.41
C PHE D 124 18.72 2.70 17.42
N ASP D 125 18.08 1.54 17.29
CA ASP D 125 16.92 1.41 16.41
C ASP D 125 15.66 1.62 17.24
N LEU D 126 14.91 2.65 16.89
CA LEU D 126 13.71 3.03 17.63
C LEU D 126 12.52 2.13 17.27
N PRO D 127 11.66 1.84 18.27
CA PRO D 127 10.40 1.17 17.94
C PRO D 127 9.56 2.11 17.10
N ASP D 128 8.63 1.57 16.31
CA ASP D 128 7.81 2.40 15.45
C ASP D 128 6.98 3.38 16.29
N ALA D 129 6.88 4.62 15.81
CA ALA D 129 6.12 5.68 16.48
C ALA D 129 6.57 5.87 17.93
N ALA D 130 7.85 6.18 18.10
CA ALA D 130 8.39 6.35 19.44
C ALA D 130 8.84 7.79 19.51
N LYS D 131 8.50 8.45 20.62
CA LYS D 131 8.81 9.84 20.76
C LYS D 131 9.97 10.02 21.71
N ILE D 132 10.99 10.74 21.25
CA ILE D 132 12.10 11.08 22.12
C ILE D 132 11.59 12.19 23.02
N THR D 133 11.57 11.92 24.32
CA THR D 133 10.96 12.83 25.28
C THR D 133 11.99 13.45 26.21
N GLN D 134 13.13 12.78 26.35
CA GLN D 134 14.17 13.25 27.26
C GLN D 134 15.57 13.10 26.65
N LEU D 135 16.47 14.00 27.02
CA LEU D 135 17.86 13.88 26.61
C LEU D 135 18.74 13.76 27.85
N LYS D 136 19.67 12.82 27.81
CA LYS D 136 20.72 12.78 28.79
C LYS D 136 22.02 13.08 28.05
N ILE D 137 22.70 14.16 28.45
CA ILE D 137 23.91 14.58 27.77
C ILE D 137 25.11 14.60 28.70
N TRP D 138 26.16 13.87 28.32
CA TRP D 138 27.41 13.85 29.05
C TRP D 138 28.41 14.77 28.37
N ALA D 139 28.84 15.82 29.07
CA ALA D 139 29.76 16.79 28.46
C ALA D 139 30.71 17.42 29.47
N ASP D 140 31.74 18.05 28.94
CA ASP D 140 32.55 18.98 29.72
C ASP D 140 32.34 20.40 29.27
N ASP D 141 33.37 21.21 29.45
CA ASP D 141 33.35 22.62 29.08
C ASP D 141 33.61 22.79 27.60
N TRP D 142 33.97 21.66 26.97
CA TRP D 142 34.46 21.60 25.59
C TRP D 142 33.56 20.84 24.62
N LEU D 143 33.41 19.54 24.87
CA LEU D 143 32.82 18.63 23.91
C LEU D 143 31.88 17.64 24.59
N VAL D 144 31.01 17.03 23.80
CA VAL D 144 30.11 16.00 24.29
C VAL D 144 30.81 14.63 24.32
N LYS D 145 30.65 13.87 25.40
CA LYS D 145 31.23 12.53 25.46
C LYS D 145 30.21 11.46 25.10
N GLY D 146 28.97 11.67 25.51
CA GLY D 146 27.94 10.69 25.26
C GLY D 146 26.55 11.27 25.33
N VAL D 147 25.59 10.54 24.79
CA VAL D 147 24.21 10.99 24.76
C VAL D 147 23.26 9.80 24.85
N GLN D 148 22.13 10.00 25.53
CA GLN D 148 21.08 8.99 25.58
C GLN D 148 19.75 9.64 25.27
N PHE D 149 18.93 8.96 24.48
CA PHE D 149 17.63 9.48 24.10
C PHE D 149 16.57 8.62 24.77
N ASP D 150 15.74 9.24 25.59
CA ASP D 150 14.69 8.51 26.29
C ASP D 150 13.38 8.58 25.50
N LEU D 151 12.59 7.51 25.55
CA LEU D 151 11.41 7.40 24.70
C LEU D 151 10.11 7.45 25.51
N ASN D 152 9.04 7.91 24.84
CA ASN D 152 7.70 8.10 25.40
C ASN D 152 7.57 8.08 26.92
N MET E 21 8.84 -13.92 -10.93
CA MET E 21 7.68 -14.28 -10.10
C MET E 21 6.37 -13.69 -10.63
N SER E 22 5.26 -14.32 -10.25
CA SER E 22 3.93 -13.81 -10.59
C SER E 22 3.03 -13.78 -9.35
N SER E 23 1.99 -12.98 -9.42
CA SER E 23 1.04 -12.90 -8.32
C SER E 23 0.16 -14.14 -8.42
N PRO E 24 -0.66 -14.40 -7.39
CA PRO E 24 -1.66 -15.43 -7.65
C PRO E 24 -2.70 -14.86 -8.59
N ILE E 25 -3.56 -15.71 -9.13
CA ILE E 25 -4.63 -15.23 -9.97
C ILE E 25 -5.68 -14.63 -9.05
N LEU E 26 -5.89 -13.31 -9.19
CA LEU E 26 -6.81 -12.59 -8.33
C LEU E 26 -8.20 -12.64 -8.95
N GLY E 27 -9.11 -13.37 -8.31
CA GLY E 27 -10.45 -13.52 -8.88
C GLY E 27 -10.70 -14.88 -9.48
N TYR E 28 -11.35 -14.90 -10.64
CA TYR E 28 -11.73 -16.14 -11.32
C TYR E 28 -11.05 -16.25 -12.69
N THR E 29 -10.77 -17.47 -13.14
CA THR E 29 -10.18 -17.64 -14.47
C THR E 29 -11.28 -17.95 -15.48
N GLN E 30 -12.29 -17.08 -15.55
CA GLN E 30 -13.37 -17.22 -16.51
C GLN E 30 -13.28 -16.17 -17.61
N GLY E 31 -14.06 -16.37 -18.67
CA GLY E 31 -14.05 -15.44 -19.79
C GLY E 31 -12.77 -15.59 -20.60
N LYS E 32 -12.55 -14.68 -21.53
CA LYS E 32 -11.34 -14.73 -22.35
C LYS E 32 -10.20 -14.04 -21.60
N MET E 33 -9.00 -14.58 -21.76
CA MET E 33 -7.81 -14.00 -21.14
C MET E 33 -7.02 -13.17 -22.14
N ASN E 34 -6.66 -11.96 -21.74
CA ASN E 34 -5.73 -11.15 -22.52
C ASN E 34 -4.43 -10.96 -21.76
N GLN E 35 -3.32 -10.94 -22.49
CA GLN E 35 -2.00 -10.83 -21.89
C GLN E 35 -1.28 -9.61 -22.48
N GLN E 36 -0.80 -8.73 -21.62
CA GLN E 36 -0.25 -7.46 -22.07
C GLN E 36 1.06 -7.08 -21.37
N ARG E 37 2.02 -6.58 -22.15
CA ARG E 37 3.24 -6.04 -21.59
C ARG E 37 2.94 -4.66 -21.04
N VAL E 38 3.48 -4.34 -19.87
CA VAL E 38 3.26 -3.03 -19.26
C VAL E 38 4.08 -1.97 -19.99
N GLY E 39 3.47 -0.83 -20.29
CA GLY E 39 4.13 0.23 -21.05
C GLY E 39 5.30 0.90 -20.35
N GLN E 40 5.96 1.83 -21.05
CA GLN E 40 7.07 2.58 -20.48
C GLN E 40 6.58 3.54 -19.39
N ASP E 41 5.31 3.94 -19.49
CA ASP E 41 4.70 4.84 -18.54
C ASP E 41 4.17 4.15 -17.27
N ASN E 42 4.19 2.82 -17.29
CA ASN E 42 3.87 2.02 -16.11
C ASN E 42 2.45 2.20 -15.58
N ARG E 43 1.47 2.40 -16.45
CA ARG E 43 0.11 2.64 -15.96
C ARG E 43 -0.87 1.51 -16.25
N LEU E 44 -1.77 1.29 -15.30
CA LEU E 44 -2.88 0.37 -15.47
C LEU E 44 -4.13 1.17 -15.73
N TYR E 45 -4.78 0.93 -16.87
CA TYR E 45 -6.01 1.65 -17.17
C TYR E 45 -7.18 0.83 -16.71
N VAL E 46 -8.11 1.52 -16.06
CA VAL E 46 -9.17 0.85 -15.32
C VAL E 46 -10.51 1.42 -15.74
N ARG E 47 -11.48 0.53 -15.88
CA ARG E 47 -12.87 0.94 -15.93
C ARG E 47 -13.57 0.32 -14.72
N ALA E 48 -14.20 1.16 -13.91
CA ALA E 48 -14.80 0.66 -12.68
C ALA E 48 -15.99 1.50 -12.21
N GLY E 49 -16.83 0.84 -11.41
CA GLY E 49 -17.98 1.45 -10.77
C GLY E 49 -18.32 0.64 -9.54
N ALA E 50 -19.36 -0.19 -9.64
CA ALA E 50 -19.72 -1.12 -8.58
C ALA E 50 -18.81 -2.35 -8.59
N ALA E 51 -18.13 -2.55 -9.72
CA ALA E 51 -17.15 -3.62 -9.87
C ALA E 51 -16.12 -3.18 -10.88
N ILE E 52 -15.27 -4.10 -11.32
CA ILE E 52 -14.27 -3.79 -12.32
C ILE E 52 -14.72 -4.19 -13.71
N ASP E 53 -15.02 -3.17 -14.51
CA ASP E 53 -15.53 -3.34 -15.87
C ASP E 53 -14.43 -3.73 -16.85
N ALA E 54 -13.28 -3.08 -16.74
CA ALA E 54 -12.19 -3.33 -17.69
C ALA E 54 -10.80 -3.07 -17.09
N LEU E 55 -9.81 -3.77 -17.63
CA LEU E 55 -8.41 -3.53 -17.29
C LEU E 55 -7.58 -3.55 -18.58
N GLY E 56 -6.45 -2.86 -18.57
CA GLY E 56 -5.56 -2.82 -19.73
C GLY E 56 -4.29 -2.03 -19.49
N SER E 57 -3.31 -2.22 -20.38
CA SER E 57 -2.02 -1.55 -20.27
C SER E 57 -2.05 -0.18 -20.94
N ALA E 58 -3.13 0.09 -21.68
CA ALA E 58 -3.30 1.37 -22.37
C ALA E 58 -4.79 1.67 -22.57
N SER E 59 -5.10 2.93 -22.86
CA SER E 59 -6.50 3.32 -23.06
C SER E 59 -7.06 2.69 -24.33
N ASP E 60 -6.14 2.32 -25.22
CA ASP E 60 -6.45 1.59 -26.46
C ASP E 60 -6.73 0.11 -26.22
N LEU E 61 -6.18 -0.43 -25.15
CA LEU E 61 -6.22 -1.88 -24.92
C LEU E 61 -7.07 -2.34 -23.74
N LEU E 62 -8.25 -1.76 -23.55
CA LEU E 62 -9.08 -2.18 -22.43
C LEU E 62 -9.63 -3.57 -22.72
N VAL E 63 -9.57 -4.42 -21.71
CA VAL E 63 -10.10 -5.78 -21.81
C VAL E 63 -11.28 -5.84 -20.86
N GLY E 64 -12.46 -6.08 -21.41
CA GLY E 64 -13.66 -6.07 -20.60
C GLY E 64 -14.76 -5.23 -21.24
N GLY E 65 -15.62 -4.66 -20.41
CA GLY E 65 -16.75 -3.88 -20.90
C GLY E 65 -16.52 -2.39 -21.01
N ASN E 66 -17.59 -1.66 -21.34
CA ASN E 66 -17.53 -0.22 -21.56
C ASN E 66 -18.29 0.57 -20.50
N GLY E 67 -18.71 -0.10 -19.43
CA GLY E 67 -19.44 0.56 -18.35
C GLY E 67 -18.49 1.16 -17.34
N GLY E 68 -19.04 1.72 -16.26
CA GLY E 68 -18.21 2.30 -15.23
C GLY E 68 -17.53 3.56 -15.74
N SER E 69 -16.55 4.04 -14.98
CA SER E 69 -15.81 5.24 -15.37
C SER E 69 -14.33 4.92 -15.63
N LEU E 70 -13.73 5.64 -16.57
CA LEU E 70 -12.34 5.42 -16.97
C LEU E 70 -11.37 6.14 -16.05
N SER E 71 -10.30 5.43 -15.68
CA SER E 71 -9.28 5.97 -14.77
C SER E 71 -7.96 5.24 -14.97
N SER E 72 -6.89 5.77 -14.38
CA SER E 72 -5.58 5.15 -14.55
C SER E 72 -4.97 4.93 -13.18
N VAL E 73 -4.05 3.98 -13.11
CA VAL E 73 -3.33 3.66 -11.88
C VAL E 73 -1.85 3.44 -12.18
N ASP E 74 -0.99 4.11 -11.42
CA ASP E 74 0.44 3.94 -11.57
C ASP E 74 0.90 2.62 -10.96
N LEU E 75 1.57 1.79 -11.76
CA LEU E 75 2.00 0.46 -11.30
C LEU E 75 3.39 0.52 -10.67
N SER E 76 4.04 1.67 -10.76
CA SER E 76 5.36 1.85 -10.16
C SER E 76 5.21 2.11 -8.67
N GLY E 77 6.05 1.47 -7.87
CA GLY E 77 6.03 1.69 -6.44
C GLY E 77 5.03 0.84 -5.67
N VAL E 78 4.41 -0.11 -6.34
CA VAL E 78 3.43 -0.99 -5.69
C VAL E 78 4.10 -1.99 -4.75
N LYS E 79 3.71 -1.99 -3.47
CA LYS E 79 4.22 -2.99 -2.53
C LYS E 79 3.24 -4.16 -2.43
N SER E 80 1.94 -3.84 -2.45
CA SER E 80 0.92 -4.87 -2.32
C SER E 80 -0.32 -4.53 -3.12
N ILE E 81 -0.99 -5.57 -3.60
CA ILE E 81 -2.27 -5.43 -4.29
C ILE E 81 -3.30 -6.29 -3.57
N THR E 82 -4.46 -5.71 -3.29
CA THR E 82 -5.52 -6.46 -2.60
C THR E 82 -6.77 -6.47 -3.45
N ALA E 83 -7.17 -7.67 -3.86
CA ALA E 83 -8.30 -7.82 -4.75
C ALA E 83 -9.50 -8.32 -3.97
N THR E 84 -10.69 -7.85 -4.34
CA THR E 84 -11.93 -8.35 -3.75
C THR E 84 -12.79 -9.02 -4.83
N SER E 85 -13.12 -10.29 -4.61
CA SER E 85 -13.98 -11.01 -5.54
C SER E 85 -15.18 -11.57 -4.80
N GLY E 86 -16.23 -11.91 -5.54
CA GLY E 86 -17.42 -12.45 -4.92
C GLY E 86 -18.65 -12.42 -5.80
N ASP E 87 -19.81 -12.62 -5.18
CA ASP E 87 -21.05 -12.69 -5.92
C ASP E 87 -21.53 -11.27 -6.18
N PHE E 88 -21.49 -10.84 -7.43
CA PHE E 88 -21.88 -9.50 -7.79
C PHE E 88 -23.39 -9.38 -7.63
N GLN E 89 -23.85 -8.28 -7.07
CA GLN E 89 -25.26 -8.04 -6.84
C GLN E 89 -26.06 -8.12 -8.15
N TYR E 90 -25.40 -7.80 -9.27
CA TYR E 90 -26.08 -7.75 -10.55
C TYR E 90 -25.75 -8.95 -11.44
N GLY E 91 -25.29 -10.03 -10.82
CA GLY E 91 -25.14 -11.28 -11.53
C GLY E 91 -23.72 -11.72 -11.77
N GLY E 92 -23.46 -13.00 -11.52
CA GLY E 92 -22.18 -13.60 -11.85
C GLY E 92 -21.18 -13.45 -10.73
N GLN E 93 -20.08 -14.17 -10.85
CA GLN E 93 -18.95 -14.03 -9.95
C GLN E 93 -17.96 -13.07 -10.62
N GLN E 94 -17.67 -11.94 -9.97
CA GLN E 94 -16.88 -10.89 -10.59
C GLN E 94 -15.73 -10.39 -9.73
N LEU E 95 -14.74 -9.76 -10.37
CA LEU E 95 -13.74 -8.98 -9.66
C LEU E 95 -14.34 -7.62 -9.40
N VAL E 96 -14.55 -7.27 -8.12
CA VAL E 96 -15.28 -6.04 -7.81
C VAL E 96 -14.42 -4.87 -7.32
N ALA E 97 -13.22 -5.16 -6.82
CA ALA E 97 -12.36 -4.10 -6.28
C ALA E 97 -10.87 -4.45 -6.28
N LEU E 98 -10.05 -3.46 -6.57
CA LEU E 98 -8.60 -3.57 -6.48
C LEU E 98 -8.03 -2.40 -5.68
N THR E 99 -7.29 -2.70 -4.61
CA THR E 99 -6.62 -1.65 -3.85
C THR E 99 -5.11 -1.77 -4.00
N PHE E 100 -4.48 -0.72 -4.51
CA PHE E 100 -3.04 -0.72 -4.70
C PHE E 100 -2.34 0.05 -3.57
N THR E 101 -1.46 -0.65 -2.85
CA THR E 101 -0.72 -0.01 -1.77
C THR E 101 0.74 0.19 -2.16
N TYR E 102 1.23 1.41 -1.96
CA TYR E 102 2.59 1.74 -2.39
C TYR E 102 3.57 1.66 -1.21
N GLN E 103 4.87 1.62 -1.50
CA GLN E 103 5.87 1.44 -0.46
C GLN E 103 5.79 2.54 0.61
N ASP E 104 5.31 3.72 0.22
CA ASP E 104 5.21 4.86 1.13
C ASP E 104 3.85 4.95 1.84
N GLY E 105 3.05 3.88 1.70
CA GLY E 105 1.79 3.80 2.41
C GLY E 105 0.59 4.34 1.66
N ARG E 106 0.85 4.94 0.49
CA ARG E 106 -0.24 5.45 -0.33
C ARG E 106 -1.17 4.34 -0.77
N GLN E 107 -2.45 4.67 -0.93
CA GLN E 107 -3.43 3.70 -1.38
C GLN E 107 -4.31 4.27 -2.49
N GLN E 108 -4.35 3.54 -3.60
CA GLN E 108 -5.22 3.84 -4.71
C GLN E 108 -6.20 2.69 -4.82
N THR E 109 -7.48 3.02 -4.88
CA THR E 109 -8.51 1.99 -4.97
C THR E 109 -9.43 2.24 -6.15
N VAL E 110 -9.72 1.18 -6.90
CA VAL E 110 -10.75 1.21 -7.94
C VAL E 110 -11.79 0.14 -7.63
N GLY E 111 -13.04 0.41 -7.98
CA GLY E 111 -14.11 -0.55 -7.73
C GLY E 111 -14.84 -0.32 -6.43
N SER E 112 -15.53 -1.37 -5.96
CA SER E 112 -16.34 -1.26 -4.74
C SER E 112 -16.53 -2.58 -4.02
N LYS E 113 -16.84 -2.50 -2.73
CA LYS E 113 -17.16 -3.66 -1.91
C LYS E 113 -18.63 -3.63 -1.48
N ALA E 114 -19.38 -2.67 -2.02
CA ALA E 114 -20.75 -2.43 -1.58
C ALA E 114 -21.81 -3.24 -2.34
N TYR E 115 -21.41 -3.86 -3.44
CA TYR E 115 -22.36 -4.59 -4.27
C TYR E 115 -21.89 -6.02 -4.47
N VAL E 116 -21.33 -6.57 -3.40
CA VAL E 116 -20.80 -7.92 -3.41
C VAL E 116 -21.22 -8.59 -2.09
N THR E 117 -21.49 -9.88 -2.14
CA THR E 117 -21.79 -10.62 -0.93
C THR E 117 -20.94 -11.88 -0.91
N ASN E 118 -20.72 -12.43 0.27
CA ASN E 118 -19.89 -13.63 0.42
C ASN E 118 -18.56 -13.43 -0.31
N ALA E 119 -17.91 -12.31 -0.03
CA ALA E 119 -16.76 -11.88 -0.81
C ALA E 119 -15.49 -12.44 -0.20
N HIS E 120 -14.51 -12.68 -1.06
CA HIS E 120 -13.19 -13.08 -0.59
C HIS E 120 -12.20 -12.01 -0.98
N GLU E 121 -11.21 -11.79 -0.12
CA GLU E 121 -10.17 -10.80 -0.38
C GLU E 121 -8.80 -11.45 -0.45
N ASP E 122 -8.15 -11.34 -1.61
CA ASP E 122 -6.84 -11.92 -1.78
C ASP E 122 -5.76 -10.83 -1.74
N ARG E 123 -4.83 -10.95 -0.80
CA ARG E 123 -3.76 -9.98 -0.69
C ARG E 123 -2.47 -10.56 -1.27
N PHE E 124 -1.82 -9.79 -2.14
CA PHE E 124 -0.53 -10.19 -2.69
C PHE E 124 0.55 -9.18 -2.38
N ASP E 125 1.54 -9.58 -1.58
CA ASP E 125 2.64 -8.69 -1.25
C ASP E 125 3.78 -8.92 -2.22
N LEU E 126 4.17 -7.85 -2.93
CA LEU E 126 5.25 -7.96 -3.90
C LEU E 126 6.59 -8.02 -3.17
N PRO E 127 7.53 -8.80 -3.72
CA PRO E 127 8.88 -8.76 -3.14
C PRO E 127 9.44 -7.35 -3.32
N ASP E 128 10.37 -6.94 -2.48
CA ASP E 128 10.91 -5.59 -2.56
C ASP E 128 11.61 -5.31 -3.89
N ALA E 129 11.37 -4.12 -4.43
CA ALA E 129 11.94 -3.70 -5.72
C ALA E 129 11.60 -4.69 -6.82
N ALA E 130 10.31 -4.90 -7.02
CA ALA E 130 9.84 -5.82 -8.04
C ALA E 130 8.94 -5.01 -8.95
N LYS E 131 9.13 -5.17 -10.25
CA LYS E 131 8.37 -4.40 -11.22
C LYS E 131 7.31 -5.24 -11.91
N ILE E 132 6.09 -4.73 -11.94
CA ILE E 132 5.02 -5.38 -12.69
C ILE E 132 5.30 -5.10 -14.15
N THR E 133 5.52 -6.17 -14.91
CA THR E 133 5.94 -6.05 -16.30
C THR E 133 4.90 -6.60 -17.26
N GLN E 134 4.04 -7.47 -16.75
CA GLN E 134 3.06 -8.14 -17.60
C GLN E 134 1.69 -8.25 -16.92
N LEU E 135 0.63 -8.18 -17.72
CA LEU E 135 -0.73 -8.35 -17.22
C LEU E 135 -1.43 -9.53 -17.88
N LYS E 136 -2.09 -10.36 -17.07
CA LYS E 136 -3.02 -11.33 -17.62
C LYS E 136 -4.39 -10.94 -17.09
N ILE E 137 -5.31 -10.64 -18.00
CA ILE E 137 -6.63 -10.14 -17.63
C ILE E 137 -7.74 -11.08 -18.08
N TRP E 138 -8.51 -11.57 -17.11
CA TRP E 138 -9.65 -12.42 -17.43
C TRP E 138 -10.92 -11.58 -17.37
N ALA E 139 -11.61 -11.49 -18.50
CA ALA E 139 -12.82 -10.71 -18.57
C ALA E 139 -13.78 -11.40 -19.50
N ASP E 140 -15.04 -11.01 -19.47
CA ASP E 140 -15.96 -11.41 -20.51
C ASP E 140 -16.21 -10.18 -21.35
N ASP E 141 -17.40 -10.11 -21.92
CA ASP E 141 -17.73 -9.02 -22.82
C ASP E 141 -18.19 -7.77 -22.05
N TRP E 142 -18.40 -7.95 -20.74
CA TRP E 142 -18.96 -6.91 -19.87
C TRP E 142 -18.04 -6.52 -18.72
N LEU E 143 -17.54 -7.53 -18.00
CA LEU E 143 -16.80 -7.29 -16.77
C LEU E 143 -15.53 -8.13 -16.68
N VAL E 144 -14.60 -7.69 -15.83
CA VAL E 144 -13.36 -8.43 -15.59
C VAL E 144 -13.58 -9.56 -14.59
N LYS E 145 -13.05 -10.74 -14.91
CA LYS E 145 -13.26 -11.93 -14.07
C LYS E 145 -12.12 -12.16 -13.12
N GLY E 146 -10.90 -11.91 -13.61
CA GLY E 146 -9.72 -12.12 -12.81
C GLY E 146 -8.54 -11.36 -13.41
N VAL E 147 -7.48 -11.21 -12.62
CA VAL E 147 -6.29 -10.51 -13.07
C VAL E 147 -5.07 -11.14 -12.42
N GLN E 148 -3.96 -11.21 -13.16
CA GLN E 148 -2.71 -11.69 -12.61
C GLN E 148 -1.61 -10.72 -12.99
N PHE E 149 -0.71 -10.43 -12.06
CA PHE E 149 0.38 -9.52 -12.32
C PHE E 149 1.70 -10.29 -12.31
N ASP E 150 2.42 -10.23 -13.42
CA ASP E 150 3.70 -10.91 -13.55
C ASP E 150 4.82 -9.92 -13.23
N LEU E 151 5.88 -10.39 -12.59
CA LEU E 151 6.91 -9.48 -12.09
C LEU E 151 8.25 -9.66 -12.80
N ASN E 152 9.02 -8.57 -12.85
CA ASN E 152 10.30 -8.45 -13.58
C ASN E 152 10.67 -9.56 -14.56
N MET F 21 16.21 -40.77 -25.71
CA MET F 21 15.20 -41.55 -25.01
C MET F 21 14.20 -40.65 -24.30
N SER F 22 13.95 -39.48 -24.88
CA SER F 22 12.97 -38.52 -24.38
C SER F 22 12.05 -38.13 -25.54
N SER F 23 10.86 -37.64 -25.21
CA SER F 23 9.92 -37.24 -26.25
C SER F 23 10.33 -35.87 -26.77
N PRO F 24 9.74 -35.45 -27.91
CA PRO F 24 9.90 -34.05 -28.27
C PRO F 24 9.01 -33.23 -27.35
N ILE F 25 9.19 -31.91 -27.33
CA ILE F 25 8.31 -31.07 -26.54
C ILE F 25 6.99 -30.89 -27.27
N LEU F 26 5.93 -31.41 -26.68
CA LEU F 26 4.63 -31.32 -27.31
C LEU F 26 3.96 -30.03 -26.87
N GLY F 27 3.84 -29.06 -27.78
CA GLY F 27 3.25 -27.78 -27.45
C GLY F 27 4.26 -26.65 -27.33
N TYR F 28 4.05 -25.78 -26.35
CA TYR F 28 4.92 -24.61 -26.15
C TYR F 28 5.67 -24.70 -24.82
N THR F 29 6.88 -24.14 -24.78
CA THR F 29 7.66 -24.08 -23.55
C THR F 29 7.52 -22.72 -22.86
N GLN F 30 6.30 -22.32 -22.55
CA GLN F 30 6.06 -21.07 -21.82
C GLN F 30 5.64 -21.35 -20.39
N GLY F 31 5.66 -20.32 -19.54
CA GLY F 31 5.32 -20.50 -18.14
C GLY F 31 6.45 -21.23 -17.42
N LYS F 32 6.22 -21.60 -16.16
CA LYS F 32 7.26 -22.29 -15.39
C LYS F 32 7.24 -23.78 -15.72
N MET F 33 8.42 -24.41 -15.71
CA MET F 33 8.48 -25.83 -15.98
C MET F 33 8.58 -26.60 -14.67
N ASN F 34 7.68 -27.56 -14.49
CA ASN F 34 7.75 -28.44 -13.33
C ASN F 34 8.03 -29.87 -13.82
N GLN F 35 8.74 -30.64 -13.02
CA GLN F 35 9.11 -31.99 -13.43
C GLN F 35 8.69 -33.06 -12.40
N GLN F 36 8.06 -34.13 -12.88
CA GLN F 36 7.54 -35.16 -11.99
C GLN F 36 7.84 -36.57 -12.47
N ARG F 37 8.23 -37.43 -11.53
CA ARG F 37 8.48 -38.83 -11.79
C ARG F 37 7.16 -39.57 -11.92
N VAL F 38 7.05 -40.46 -12.90
CA VAL F 38 5.81 -41.22 -13.06
C VAL F 38 5.75 -42.31 -12.00
N GLY F 39 4.61 -42.42 -11.33
CA GLY F 39 4.42 -43.35 -10.24
C GLY F 39 4.45 -44.81 -10.64
N GLN F 40 4.31 -45.69 -9.64
CA GLN F 40 4.26 -47.13 -9.89
C GLN F 40 2.99 -47.53 -10.63
N ASP F 41 1.94 -46.70 -10.54
CA ASP F 41 0.66 -47.02 -11.16
C ASP F 41 0.60 -46.73 -12.67
N ASN F 42 1.62 -46.07 -13.21
CA ASN F 42 1.68 -45.81 -14.64
C ASN F 42 0.52 -44.97 -15.17
N ARG F 43 0.03 -44.04 -14.37
CA ARG F 43 -1.10 -43.21 -14.80
C ARG F 43 -0.74 -41.74 -14.95
N LEU F 44 -1.35 -41.10 -15.95
CA LEU F 44 -1.23 -39.65 -16.11
C LEU F 44 -2.53 -38.99 -15.65
N TYR F 45 -2.41 -38.08 -14.69
CA TYR F 45 -3.58 -37.38 -14.18
C TYR F 45 -3.81 -36.05 -14.88
N VAL F 46 -5.06 -35.81 -15.27
CA VAL F 46 -5.38 -34.67 -16.11
C VAL F 46 -6.56 -33.88 -15.56
N ARG F 47 -6.46 -32.56 -15.63
CA ARG F 47 -7.62 -31.69 -15.52
C ARG F 47 -7.73 -31.02 -16.87
N ALA F 48 -8.90 -31.15 -17.51
CA ALA F 48 -9.09 -30.64 -18.85
C ALA F 48 -10.54 -30.25 -19.10
N GLY F 49 -10.74 -29.38 -20.10
CA GLY F 49 -12.06 -28.95 -20.50
C GLY F 49 -12.02 -28.50 -21.95
N ALA F 50 -12.02 -27.18 -22.16
CA ALA F 50 -11.85 -26.67 -23.52
C ALA F 50 -10.38 -26.76 -23.90
N ALA F 51 -9.52 -26.91 -22.90
CA ALA F 51 -8.09 -27.12 -23.11
C ALA F 51 -7.55 -27.92 -21.93
N ILE F 52 -6.22 -28.03 -21.82
CA ILE F 52 -5.62 -28.77 -20.73
C ILE F 52 -5.19 -27.88 -19.56
N ASP F 53 -5.91 -28.00 -18.45
CA ASP F 53 -5.71 -27.18 -17.27
C ASP F 53 -4.50 -27.63 -16.44
N ALA F 54 -4.35 -28.94 -16.26
CA ALA F 54 -3.27 -29.47 -15.43
C ALA F 54 -2.84 -30.88 -15.84
N LEU F 55 -1.59 -31.22 -15.54
CA LEU F 55 -1.06 -32.56 -15.72
C LEU F 55 -0.28 -32.92 -14.45
N GLY F 56 -0.14 -34.21 -14.17
CA GLY F 56 0.55 -34.64 -12.95
C GLY F 56 0.66 -36.15 -12.79
N SER F 57 1.49 -36.58 -11.83
CA SER F 57 1.69 -38.00 -11.55
C SER F 57 0.65 -38.52 -10.57
N ALA F 58 -0.08 -37.61 -9.94
CA ALA F 58 -1.12 -37.95 -8.98
C ALA F 58 -2.16 -36.82 -8.92
N SER F 59 -3.32 -37.10 -8.34
CA SER F 59 -4.38 -36.09 -8.29
C SER F 59 -4.05 -34.90 -7.36
N ASP F 60 -3.24 -35.14 -6.33
CA ASP F 60 -2.78 -34.03 -5.50
C ASP F 60 -1.54 -33.34 -6.10
N LEU F 61 -0.89 -33.97 -7.09
CA LEU F 61 0.34 -33.41 -7.67
C LEU F 61 0.16 -32.85 -9.09
N LEU F 62 -0.97 -32.18 -9.34
CA LEU F 62 -1.24 -31.55 -10.63
C LEU F 62 -0.48 -30.22 -10.78
N VAL F 63 0.13 -29.99 -11.93
CA VAL F 63 0.77 -28.71 -12.21
C VAL F 63 -0.03 -28.00 -13.30
N GLY F 64 -0.47 -26.78 -12.99
CA GLY F 64 -1.34 -26.01 -13.86
C GLY F 64 -2.47 -25.37 -13.04
N GLY F 65 -3.62 -25.14 -13.67
CA GLY F 65 -4.71 -24.47 -13.00
C GLY F 65 -5.70 -25.41 -12.29
N ASN F 66 -6.78 -24.83 -11.79
CA ASN F 66 -7.76 -25.58 -10.99
C ASN F 66 -9.05 -25.79 -11.79
N GLY F 67 -9.00 -25.48 -13.08
CA GLY F 67 -10.17 -25.63 -13.93
C GLY F 67 -10.31 -27.01 -14.54
N GLY F 68 -11.31 -27.17 -15.40
CA GLY F 68 -11.55 -28.44 -16.06
C GLY F 68 -12.05 -29.50 -15.10
N SER F 69 -12.14 -30.74 -15.59
CA SER F 69 -12.54 -31.86 -14.75
C SER F 69 -11.43 -32.88 -14.64
N LEU F 70 -11.35 -33.55 -13.49
CA LEU F 70 -10.27 -34.49 -13.23
C LEU F 70 -10.54 -35.86 -13.85
N SER F 71 -9.49 -36.44 -14.42
CA SER F 71 -9.54 -37.74 -15.04
C SER F 71 -8.13 -38.32 -15.00
N SER F 72 -8.01 -39.60 -15.31
CA SER F 72 -6.72 -40.25 -15.27
C SER F 72 -6.51 -40.93 -16.60
N VAL F 73 -5.27 -41.17 -16.98
CA VAL F 73 -5.00 -41.83 -18.24
C VAL F 73 -3.94 -42.89 -18.01
N ASP F 74 -4.24 -44.11 -18.43
CA ASP F 74 -3.31 -45.21 -18.30
C ASP F 74 -2.18 -45.04 -19.30
N LEU F 75 -0.94 -45.01 -18.81
CA LEU F 75 0.21 -44.77 -19.67
C LEU F 75 0.76 -46.08 -20.22
N SER F 76 0.21 -47.20 -19.72
CA SER F 76 0.61 -48.52 -20.21
C SER F 76 -0.15 -48.89 -21.47
N GLY F 77 0.56 -49.46 -22.44
CA GLY F 77 -0.05 -49.89 -23.67
C GLY F 77 -0.18 -48.77 -24.68
N VAL F 78 0.37 -47.61 -24.32
CA VAL F 78 0.31 -46.44 -25.18
C VAL F 78 1.27 -46.64 -26.35
N LYS F 79 0.76 -46.51 -27.58
CA LYS F 79 1.60 -46.64 -28.76
C LYS F 79 2.11 -45.28 -29.22
N SER F 80 1.24 -44.27 -29.17
CA SER F 80 1.61 -42.92 -29.57
C SER F 80 0.81 -41.87 -28.79
N ILE F 81 1.43 -40.73 -28.53
CA ILE F 81 0.72 -39.61 -27.91
C ILE F 81 0.84 -38.42 -28.85
N THR F 82 -0.30 -37.80 -29.15
CA THR F 82 -0.35 -36.69 -30.10
C THR F 82 -0.92 -35.43 -29.44
N ALA F 83 -0.15 -34.35 -29.47
CA ALA F 83 -0.58 -33.11 -28.83
C ALA F 83 -1.09 -32.09 -29.83
N THR F 84 -2.14 -31.37 -29.42
CA THR F 84 -2.67 -30.27 -30.21
C THR F 84 -2.54 -28.97 -29.43
N SER F 85 -1.83 -28.01 -30.02
CA SER F 85 -1.67 -26.69 -29.42
C SER F 85 -2.18 -25.66 -30.42
N GLY F 86 -2.14 -24.38 -30.05
CA GLY F 86 -2.59 -23.32 -30.93
C GLY F 86 -3.24 -22.14 -30.21
N ASP F 87 -3.95 -21.31 -30.96
CA ASP F 87 -4.54 -20.10 -30.39
C ASP F 87 -5.86 -20.44 -29.72
N PHE F 88 -5.87 -20.34 -28.39
CA PHE F 88 -7.04 -20.70 -27.59
C PHE F 88 -8.15 -19.67 -27.77
N GLN F 89 -9.37 -20.16 -27.92
CA GLN F 89 -10.53 -19.30 -28.09
C GLN F 89 -10.69 -18.37 -26.88
N TYR F 90 -10.26 -18.84 -25.72
CA TYR F 90 -10.42 -18.07 -24.50
C TYR F 90 -9.13 -17.42 -24.05
N GLY F 91 -8.19 -17.28 -24.99
CA GLY F 91 -7.01 -16.48 -24.73
C GLY F 91 -5.70 -17.23 -24.60
N GLY F 92 -4.67 -16.72 -25.28
CA GLY F 92 -3.33 -17.23 -25.11
C GLY F 92 -3.01 -18.41 -26.01
N GLN F 93 -1.73 -18.74 -26.09
CA GLN F 93 -1.28 -19.93 -26.80
C GLN F 93 -1.23 -21.06 -25.79
N GLN F 94 -2.04 -22.08 -26.01
CA GLN F 94 -2.20 -23.13 -25.01
C GLN F 94 -2.10 -24.53 -25.61
N LEU F 95 -1.80 -25.51 -24.76
CA LEU F 95 -1.96 -26.90 -25.10
C LEU F 95 -3.42 -27.23 -24.88
N VAL F 96 -4.13 -27.60 -25.95
CA VAL F 96 -5.57 -27.79 -25.86
C VAL F 96 -6.02 -29.26 -25.87
N ALA F 97 -5.16 -30.15 -26.35
CA ALA F 97 -5.54 -31.56 -26.44
C ALA F 97 -4.37 -32.54 -26.43
N LEU F 98 -4.57 -33.69 -25.81
CA LEU F 98 -3.64 -34.79 -25.90
C LEU F 98 -4.42 -36.06 -26.27
N THR F 99 -4.04 -36.72 -27.36
CA THR F 99 -4.71 -37.96 -27.76
C THR F 99 -3.79 -39.17 -27.59
N PHE F 100 -4.24 -40.11 -26.77
CA PHE F 100 -3.51 -41.33 -26.46
C PHE F 100 -4.02 -42.53 -27.26
N THR F 101 -3.12 -43.15 -28.02
CA THR F 101 -3.48 -44.29 -28.84
C THR F 101 -2.90 -45.61 -28.27
N TYR F 102 -3.73 -46.61 -28.08
CA TYR F 102 -3.27 -47.89 -27.55
C TYR F 102 -3.10 -48.91 -28.70
N GLN F 103 -2.38 -50.00 -28.43
CA GLN F 103 -2.08 -51.00 -29.46
C GLN F 103 -3.32 -51.64 -30.07
N ASP F 104 -4.41 -51.66 -29.29
CA ASP F 104 -5.65 -52.30 -29.69
C ASP F 104 -6.62 -51.39 -30.45
N GLY F 105 -6.14 -50.21 -30.86
CA GLY F 105 -6.92 -49.31 -31.68
C GLY F 105 -7.73 -48.35 -30.83
N ARG F 106 -7.73 -48.58 -29.53
CA ARG F 106 -8.41 -47.70 -28.59
C ARG F 106 -7.70 -46.34 -28.55
N GLN F 107 -8.47 -45.28 -28.36
CA GLN F 107 -7.89 -43.93 -28.31
C GLN F 107 -8.50 -43.13 -27.15
N GLN F 108 -7.66 -42.55 -26.31
CA GLN F 108 -8.16 -41.66 -25.26
C GLN F 108 -7.63 -40.25 -25.49
N THR F 109 -8.53 -39.28 -25.43
CA THR F 109 -8.16 -37.87 -25.60
C THR F 109 -8.64 -37.07 -24.39
N VAL F 110 -7.79 -36.16 -23.94
CA VAL F 110 -8.19 -35.20 -22.92
C VAL F 110 -8.05 -33.81 -23.52
N GLY F 111 -8.96 -32.90 -23.13
CA GLY F 111 -8.96 -31.57 -23.71
C GLY F 111 -9.92 -31.47 -24.88
N SER F 112 -9.68 -30.51 -25.76
CA SER F 112 -10.56 -30.30 -26.92
C SER F 112 -9.83 -29.67 -28.11
N LYS F 113 -10.33 -29.93 -29.31
CA LYS F 113 -9.79 -29.30 -30.51
C LYS F 113 -10.84 -28.37 -31.13
N ALA F 114 -11.95 -28.22 -30.43
CA ALA F 114 -13.10 -27.47 -30.93
C ALA F 114 -13.02 -26.00 -30.56
N TYR F 115 -12.06 -25.66 -29.71
CA TYR F 115 -11.91 -24.29 -29.21
C TYR F 115 -10.52 -23.74 -29.51
N VAL F 116 -9.98 -24.06 -30.68
CA VAL F 116 -8.65 -23.61 -31.03
C VAL F 116 -8.56 -23.16 -32.50
N THR F 117 -7.74 -22.15 -32.77
CA THR F 117 -7.47 -21.68 -34.13
C THR F 117 -5.97 -21.58 -34.35
N ASN F 118 -5.56 -21.58 -35.62
CA ASN F 118 -4.15 -21.61 -35.98
C ASN F 118 -3.38 -22.70 -35.23
N ALA F 119 -3.92 -23.92 -35.27
CA ALA F 119 -3.42 -25.01 -34.43
C ALA F 119 -2.37 -25.86 -35.13
N HIS F 120 -1.39 -26.34 -34.37
CA HIS F 120 -0.43 -27.32 -34.89
C HIS F 120 -0.43 -28.60 -34.02
N GLU F 121 -0.08 -29.72 -34.64
CA GLU F 121 -0.10 -31.02 -33.97
C GLU F 121 1.29 -31.62 -33.83
N ASP F 122 1.70 -31.93 -32.59
CA ASP F 122 2.98 -32.58 -32.36
C ASP F 122 2.72 -34.05 -32.05
N ARG F 123 3.25 -34.95 -32.88
CA ARG F 123 3.04 -36.39 -32.68
C ARG F 123 4.29 -37.07 -32.12
N PHE F 124 4.11 -37.84 -31.05
CA PHE F 124 5.19 -38.64 -30.46
C PHE F 124 4.85 -40.13 -30.46
N ASP F 125 5.63 -40.92 -31.18
CA ASP F 125 5.44 -42.36 -31.21
C ASP F 125 6.35 -43.05 -30.19
N LEU F 126 5.76 -43.82 -29.28
CA LEU F 126 6.55 -44.49 -28.26
C LEU F 126 7.30 -45.64 -28.89
N PRO F 127 8.56 -45.84 -28.48
CA PRO F 127 9.34 -46.99 -28.95
C PRO F 127 8.72 -48.28 -28.45
N ASP F 128 8.95 -49.38 -29.16
CA ASP F 128 8.46 -50.67 -28.68
C ASP F 128 9.20 -50.92 -27.36
N ALA F 129 8.47 -51.40 -26.36
CA ALA F 129 9.05 -51.64 -25.03
C ALA F 129 9.67 -50.37 -24.43
N ALA F 130 8.82 -49.52 -23.87
CA ALA F 130 9.27 -48.29 -23.24
C ALA F 130 8.31 -47.84 -22.16
N LYS F 131 8.84 -47.46 -21.01
CA LYS F 131 8.02 -47.00 -19.91
C LYS F 131 8.21 -45.49 -19.76
N ILE F 132 7.10 -44.76 -19.67
CA ILE F 132 7.19 -43.32 -19.41
C ILE F 132 7.59 -43.17 -17.94
N THR F 133 8.72 -42.52 -17.71
CA THR F 133 9.30 -42.45 -16.37
C THR F 133 9.26 -41.04 -15.78
N GLN F 134 9.20 -40.03 -16.63
CA GLN F 134 9.25 -38.65 -16.16
C GLN F 134 8.28 -37.73 -16.90
N LEU F 135 7.76 -36.72 -16.20
CA LEU F 135 6.91 -35.72 -16.81
C LEU F 135 7.60 -34.36 -16.70
N LYS F 136 7.67 -33.63 -17.80
CA LYS F 136 8.08 -32.24 -17.75
C LYS F 136 6.89 -31.43 -18.24
N ILE F 137 6.37 -30.56 -17.38
CA ILE F 137 5.16 -29.84 -17.72
C ILE F 137 5.36 -28.33 -17.70
N TRP F 138 5.05 -27.68 -18.81
CA TRP F 138 5.10 -26.23 -18.89
C TRP F 138 3.72 -25.65 -18.71
N ALA F 139 3.53 -24.89 -17.64
CA ALA F 139 2.24 -24.29 -17.35
C ALA F 139 2.40 -22.96 -16.63
N ASP F 140 1.31 -22.20 -16.55
CA ASP F 140 1.24 -21.10 -15.61
C ASP F 140 0.24 -21.52 -14.53
N ASP F 141 -0.42 -20.55 -13.91
CA ASP F 141 -1.37 -20.84 -12.86
C ASP F 141 -2.75 -21.20 -13.41
N TRP F 142 -2.89 -21.13 -14.75
CA TRP F 142 -4.18 -21.27 -15.42
C TRP F 142 -4.24 -22.54 -16.27
N LEU F 143 -3.35 -22.64 -17.27
CA LEU F 143 -3.40 -23.73 -18.24
C LEU F 143 -1.99 -24.25 -18.54
N VAL F 144 -1.92 -25.47 -19.08
CA VAL F 144 -0.64 -26.07 -19.50
C VAL F 144 -0.24 -25.62 -20.91
N LYS F 145 1.03 -25.29 -21.10
CA LYS F 145 1.54 -24.81 -22.38
C LYS F 145 2.16 -25.94 -23.19
N GLY F 146 2.87 -26.81 -22.49
CA GLY F 146 3.56 -27.91 -23.15
C GLY F 146 3.93 -29.01 -22.18
N VAL F 147 4.26 -30.17 -22.73
CA VAL F 147 4.59 -31.33 -21.93
C VAL F 147 5.65 -32.16 -22.65
N GLN F 148 6.55 -32.76 -21.88
CA GLN F 148 7.56 -33.65 -22.44
C GLN F 148 7.61 -34.93 -21.61
N PHE F 149 7.72 -36.07 -22.29
CA PHE F 149 7.74 -37.37 -21.63
C PHE F 149 9.10 -38.06 -21.77
N ASP F 150 9.72 -38.40 -20.64
CA ASP F 150 10.97 -39.15 -20.68
C ASP F 150 10.75 -40.65 -20.52
N LEU F 151 11.63 -41.42 -21.14
CA LEU F 151 11.52 -42.87 -21.18
C LEU F 151 12.69 -43.50 -20.43
N ASN F 152 12.47 -44.72 -19.96
CA ASN F 152 13.46 -45.50 -19.20
C ASN F 152 14.93 -45.17 -19.44
#